data_1AD0
#
_entry.id   1AD0
#
_cell.length_a   48.310
_cell.length_b   66.270
_cell.length_c   81.380
_cell.angle_alpha   69.88
_cell.angle_beta   82.48
_cell.angle_gamma   71.34
#
_symmetry.space_group_name_H-M   'P 1'
#
loop_
_entity.id
_entity.type
_entity.pdbx_description
1 polymer 'ANTIBODY A5B7 (LIGHT CHAIN)'
2 polymer 'ANTIBODY A5B7 (HEAVY CHAIN)'
3 water water
#
loop_
_entity_poly.entity_id
_entity_poly.type
_entity_poly.pdbx_seq_one_letter_code
_entity_poly.pdbx_strand_id
1 'polypeptide(L)'
;QTVLTQSPSSLSVSVGDRVTITCRASSSVTYIHWYQQKPGLAPKSLIYATSNLASGVPSRFSGSGSGTDYTFTISSLQPE
DIATYYCQHWSSKPPTFGQGTKVEVKRTVAAPSVFIFPPSDEQLKSGTASVVCLLNNFYPREAKVQWKVDNALQSGNSQE
SVTEQDSKDSTYSLSSTLTLSKADYEKHKVYACEVTHQGLSSPVTKSFNRGEC
;
A,C
2 'polypeptide(L)'
;EVQLLESGGGLVQPGGSLRLSCATSGFTFTDYYMNWVRQAPGKGLEWLGFIGNKANGYTTEYSASVKGRFTISRDKSKST
LYLQMNTLQAEDSAIYYCTRDRGLRFYFDYWGQGTLVTVSSASTKGPSVFPLAPCSRSTSESTAALGCLVKDYFPEPVTV
SWNSGALTSGVHTFPAVLQSSGLYSLSSVVTVPSSSLGTKTYTCNVDHKPSNTKVDKRVE
;
B,D
#
# COMPACT_ATOMS: atom_id res chain seq x y z
N GLN A 1 -40.15 6.81 -9.35
CA GLN A 1 -39.20 5.92 -10.07
C GLN A 1 -39.97 4.81 -10.76
N THR A 2 -39.91 4.78 -12.10
CA THR A 2 -40.60 3.76 -12.86
C THR A 2 -39.81 2.48 -12.73
N VAL A 3 -40.44 1.45 -12.18
CA VAL A 3 -39.84 0.14 -11.97
C VAL A 3 -40.12 -0.77 -13.15
N LEU A 4 -39.05 -1.36 -13.71
CA LEU A 4 -39.19 -2.28 -14.82
C LEU A 4 -39.05 -3.68 -14.23
N THR A 5 -39.95 -4.58 -14.61
CA THR A 5 -39.90 -5.95 -14.12
C THR A 5 -39.78 -6.93 -15.27
N GLN A 6 -38.65 -7.65 -15.30
CA GLN A 6 -38.41 -8.64 -16.35
C GLN A 6 -38.93 -10.03 -16.00
N SER A 7 -39.29 -10.77 -17.05
CA SER A 7 -39.79 -12.12 -16.91
C SER A 7 -39.51 -12.93 -18.18
N PRO A 8 -38.98 -14.16 -18.03
CA PRO A 8 -38.64 -14.74 -16.72
C PRO A 8 -37.29 -14.19 -16.28
N SER A 9 -36.83 -14.61 -15.10
CA SER A 9 -35.53 -14.18 -14.59
C SER A 9 -34.40 -15.13 -14.98
N SER A 10 -34.76 -16.30 -15.53
CA SER A 10 -33.80 -17.33 -15.97
C SER A 10 -34.38 -18.16 -17.12
N LEU A 11 -33.51 -18.60 -18.02
CA LEU A 11 -33.89 -19.42 -19.16
C LEU A 11 -32.79 -20.37 -19.59
N SER A 12 -33.19 -21.59 -19.93
CA SER A 12 -32.27 -22.62 -20.44
C SER A 12 -33.00 -23.13 -21.68
N VAL A 13 -32.49 -22.77 -22.85
CA VAL A 13 -33.12 -23.15 -24.11
C VAL A 13 -32.12 -23.79 -25.07
N SER A 14 -32.58 -24.76 -25.86
CA SER A 14 -31.73 -25.43 -26.84
C SER A 14 -31.29 -24.48 -27.95
N VAL A 15 -30.14 -24.77 -28.56
CA VAL A 15 -29.62 -23.95 -29.65
C VAL A 15 -30.65 -23.95 -30.79
N GLY A 16 -30.87 -22.77 -31.37
CA GLY A 16 -31.81 -22.66 -32.47
C GLY A 16 -33.25 -22.42 -32.06
N ASP A 17 -33.54 -22.49 -30.77
CA ASP A 17 -34.90 -22.27 -30.30
C ASP A 17 -35.12 -20.80 -29.96
N ARG A 18 -36.37 -20.47 -29.69
CA ARG A 18 -36.74 -19.10 -29.39
C ARG A 18 -36.76 -18.71 -27.92
N VAL A 19 -36.14 -17.57 -27.64
CA VAL A 19 -36.10 -17.01 -26.30
C VAL A 19 -36.90 -15.68 -26.37
N THR A 20 -37.89 -15.55 -25.49
CA THR A 20 -38.72 -14.35 -25.41
C THR A 20 -38.72 -13.82 -24.00
N ILE A 21 -38.11 -12.65 -23.82
CA ILE A 21 -38.01 -11.96 -22.54
C ILE A 21 -38.97 -10.75 -22.51
N THR A 22 -39.66 -10.59 -21.39
CA THR A 22 -40.62 -9.53 -21.18
C THR A 22 -40.14 -8.44 -20.21
N CYS A 23 -40.53 -7.21 -20.49
CA CYS A 23 -40.18 -6.09 -19.63
C CYS A 23 -41.42 -5.24 -19.39
N ARG A 24 -41.90 -5.24 -18.15
CA ARG A 24 -43.08 -4.47 -17.79
C ARG A 24 -42.74 -3.27 -16.91
N ALA A 25 -43.13 -2.08 -17.38
CA ALA A 25 -42.93 -0.83 -16.67
C ALA A 25 -44.13 -0.58 -15.76
N SER A 26 -43.88 -0.06 -14.55
CA SER A 26 -44.96 0.22 -13.59
C SER A 26 -45.84 1.35 -14.12
N SER A 27 -45.27 2.14 -15.03
CA SER A 27 -45.94 3.25 -15.69
C SER A 27 -45.44 3.35 -17.12
N SER A 28 -46.35 3.68 -18.03
CA SER A 28 -46.05 3.82 -19.45
C SER A 28 -44.77 4.58 -19.77
N VAL A 29 -43.97 4.03 -20.69
CA VAL A 29 -42.73 4.66 -21.11
C VAL A 29 -42.71 4.79 -22.64
N THR A 30 -41.94 5.74 -23.14
CA THR A 30 -41.85 5.97 -24.57
C THR A 30 -41.08 4.86 -25.29
N TYR A 31 -39.87 4.57 -24.81
CA TYR A 31 -39.03 3.54 -25.40
C TYR A 31 -38.41 2.62 -24.37
N ILE A 32 -37.95 1.45 -24.82
CA ILE A 32 -37.24 0.50 -23.97
C ILE A 32 -35.95 0.10 -24.68
N HIS A 33 -34.85 0.12 -23.93
CA HIS A 33 -33.55 -0.24 -24.47
C HIS A 33 -33.04 -1.53 -23.84
N TRP A 34 -32.41 -2.37 -24.66
CA TRP A 34 -31.90 -3.64 -24.16
C TRP A 34 -30.39 -3.76 -24.27
N TYR A 35 -29.77 -4.23 -23.18
CA TYR A 35 -28.32 -4.42 -23.11
C TYR A 35 -28.03 -5.89 -22.84
N GLN A 36 -26.92 -6.36 -23.37
CA GLN A 36 -26.49 -7.74 -23.19
C GLN A 36 -25.21 -7.76 -22.35
N GLN A 37 -25.19 -8.58 -21.29
CA GLN A 37 -23.99 -8.68 -20.47
C GLN A 37 -23.40 -10.09 -20.46
N LYS A 38 -22.39 -10.29 -21.31
CA LYS A 38 -21.69 -11.57 -21.41
C LYS A 38 -20.80 -11.71 -20.19
N PRO A 39 -20.52 -12.95 -19.74
CA PRO A 39 -19.68 -13.21 -18.55
C PRO A 39 -18.33 -12.50 -18.52
N GLY A 40 -18.08 -11.78 -17.44
CA GLY A 40 -16.82 -11.07 -17.27
C GLY A 40 -16.72 -9.75 -18.01
N LEU A 41 -17.70 -9.47 -18.87
CA LEU A 41 -17.72 -8.25 -19.66
C LEU A 41 -18.77 -7.26 -19.20
N ALA A 42 -18.57 -6.00 -19.60
CA ALA A 42 -19.52 -4.92 -19.26
C ALA A 42 -20.74 -5.07 -20.14
N PRO A 43 -21.84 -4.40 -19.78
CA PRO A 43 -23.05 -4.50 -20.62
C PRO A 43 -22.81 -3.82 -21.97
N LYS A 44 -23.45 -4.31 -23.03
CA LYS A 44 -23.31 -3.68 -24.33
C LYS A 44 -24.68 -3.47 -24.96
N SER A 45 -24.84 -2.35 -25.66
CA SER A 45 -26.09 -2.00 -26.32
C SER A 45 -26.49 -3.02 -27.37
N LEU A 46 -27.67 -3.59 -27.20
CA LEU A 46 -28.18 -4.61 -28.10
C LEU A 46 -29.31 -4.04 -28.98
N ILE A 47 -30.32 -3.48 -28.34
CA ILE A 47 -31.48 -2.90 -29.02
C ILE A 47 -31.84 -1.55 -28.38
N TYR A 48 -32.05 -0.54 -29.22
CA TYR A 48 -32.41 0.79 -28.72
C TYR A 48 -33.70 1.26 -29.34
N ALA A 49 -34.35 2.20 -28.65
CA ALA A 49 -35.63 2.79 -29.09
C ALA A 49 -36.62 1.69 -29.40
N THR A 50 -36.71 0.71 -28.49
CA THR A 50 -37.61 -0.43 -28.60
C THR A 50 -37.37 -1.51 -29.65
N SER A 51 -37.06 -1.10 -30.88
CA SER A 51 -36.88 -2.09 -31.94
C SER A 51 -35.68 -1.93 -32.87
N ASN A 52 -34.80 -0.99 -32.59
CA ASN A 52 -33.64 -0.78 -33.45
C ASN A 52 -32.43 -1.55 -32.94
N LEU A 53 -31.86 -2.38 -33.80
CA LEU A 53 -30.69 -3.18 -33.46
C LEU A 53 -29.43 -2.33 -33.57
N ALA A 54 -28.57 -2.41 -32.56
CA ALA A 54 -27.33 -1.64 -32.61
C ALA A 54 -26.50 -2.17 -33.78
N SER A 55 -25.44 -1.46 -34.13
CA SER A 55 -24.59 -1.88 -35.25
C SER A 55 -23.92 -3.23 -34.98
N GLY A 56 -23.94 -4.10 -36.00
CA GLY A 56 -23.31 -5.40 -35.87
C GLY A 56 -24.10 -6.49 -35.19
N VAL A 57 -25.21 -6.15 -34.56
CA VAL A 57 -26.05 -7.16 -33.91
C VAL A 57 -26.73 -8.03 -34.97
N PRO A 58 -26.60 -9.35 -34.85
CA PRO A 58 -27.20 -10.31 -35.80
C PRO A 58 -28.74 -10.30 -35.87
N SER A 59 -29.26 -10.81 -36.98
CA SER A 59 -30.69 -10.85 -37.25
C SER A 59 -31.56 -11.69 -36.32
N ARG A 60 -30.96 -12.49 -35.45
CA ARG A 60 -31.78 -13.30 -34.55
C ARG A 60 -32.38 -12.50 -33.39
N PHE A 61 -31.90 -11.27 -33.22
CA PHE A 61 -32.39 -10.38 -32.17
C PHE A 61 -33.41 -9.38 -32.71
N SER A 62 -34.45 -9.13 -31.91
CA SER A 62 -35.50 -8.18 -32.28
C SER A 62 -36.20 -7.63 -31.02
N GLY A 63 -36.89 -6.51 -31.18
CA GLY A 63 -37.60 -5.91 -30.07
C GLY A 63 -38.94 -5.34 -30.49
N SER A 64 -39.87 -5.29 -29.55
CA SER A 64 -41.19 -4.75 -29.82
C SER A 64 -41.84 -4.33 -28.49
N GLY A 65 -43.11 -3.94 -28.56
CA GLY A 65 -43.83 -3.53 -27.37
C GLY A 65 -44.13 -2.04 -27.38
N SER A 66 -45.05 -1.63 -26.51
CA SER A 66 -45.43 -0.23 -26.39
C SER A 66 -46.03 0.06 -25.02
N GLY A 67 -45.91 1.31 -24.59
CA GLY A 67 -46.45 1.75 -23.33
C GLY A 67 -45.87 1.12 -22.09
N THR A 68 -46.60 0.14 -21.55
CA THR A 68 -46.23 -0.58 -20.35
C THR A 68 -45.58 -1.97 -20.58
N ASP A 69 -45.88 -2.62 -21.70
CA ASP A 69 -45.34 -3.95 -22.00
C ASP A 69 -44.36 -3.99 -23.16
N TYR A 70 -43.21 -4.63 -22.93
CA TYR A 70 -42.16 -4.75 -23.94
C TYR A 70 -41.66 -6.16 -24.13
N THR A 71 -41.02 -6.41 -25.26
CA THR A 71 -40.54 -7.75 -25.60
C THR A 71 -39.23 -7.75 -26.37
N PHE A 72 -38.33 -8.63 -25.95
CA PHE A 72 -37.00 -8.82 -26.56
C PHE A 72 -37.03 -10.27 -27.04
N THR A 73 -36.59 -10.52 -28.26
CA THR A 73 -36.62 -11.89 -28.79
C THR A 73 -35.35 -12.33 -29.51
N ILE A 74 -35.00 -13.60 -29.30
CA ILE A 74 -33.86 -14.25 -29.96
C ILE A 74 -34.56 -15.44 -30.61
N SER A 75 -34.74 -15.36 -31.92
CA SER A 75 -35.45 -16.37 -32.69
C SER A 75 -34.73 -17.70 -32.88
N SER A 76 -33.41 -17.65 -32.91
CA SER A 76 -32.59 -18.85 -33.10
C SER A 76 -31.39 -18.71 -32.15
N LEU A 77 -31.60 -19.09 -30.89
CA LEU A 77 -30.59 -18.98 -29.83
C LEU A 77 -29.26 -19.65 -30.14
N GLN A 78 -28.15 -18.94 -29.87
CA GLN A 78 -26.80 -19.45 -30.10
C GLN A 78 -25.98 -19.39 -28.81
N PRO A 79 -24.96 -20.26 -28.68
CA PRO A 79 -24.12 -20.27 -27.47
C PRO A 79 -23.47 -18.91 -27.23
N GLU A 80 -23.20 -18.16 -28.29
CA GLU A 80 -22.59 -16.84 -28.14
C GLU A 80 -23.51 -15.86 -27.43
N ASP A 81 -24.79 -16.22 -27.31
CA ASP A 81 -25.80 -15.39 -26.66
C ASP A 81 -25.95 -15.65 -25.18
N ILE A 82 -25.10 -16.52 -24.62
CA ILE A 82 -25.13 -16.84 -23.19
C ILE A 82 -24.80 -15.53 -22.47
N ALA A 83 -25.73 -15.04 -21.65
CA ALA A 83 -25.52 -13.78 -20.94
C ALA A 83 -26.75 -13.39 -20.16
N THR A 84 -26.66 -12.22 -19.52
CA THR A 84 -27.77 -11.65 -18.77
C THR A 84 -28.19 -10.41 -19.57
N TYR A 85 -29.49 -10.30 -19.82
CA TYR A 85 -30.04 -9.19 -20.61
C TYR A 85 -30.83 -8.22 -19.74
N TYR A 86 -30.69 -6.93 -20.02
CA TYR A 86 -31.40 -5.91 -19.25
C TYR A 86 -32.19 -4.95 -20.11
N CYS A 87 -33.38 -4.59 -19.64
CA CYS A 87 -34.20 -3.60 -20.31
C CYS A 87 -34.03 -2.29 -19.52
N GLN A 88 -34.10 -1.16 -20.23
CA GLN A 88 -33.91 0.15 -19.61
C GLN A 88 -34.81 1.24 -20.20
N HIS A 89 -35.23 2.17 -19.35
CA HIS A 89 -36.08 3.29 -19.76
C HIS A 89 -35.40 4.58 -19.28
N TRP A 90 -35.69 5.70 -19.96
CA TRP A 90 -35.13 7.01 -19.60
C TRP A 90 -36.29 8.01 -19.79
N SER A 91 -37.50 7.54 -19.53
CA SER A 91 -38.71 8.32 -19.69
C SER A 91 -39.14 8.95 -18.37
N SER A 92 -38.38 8.67 -17.32
CA SER A 92 -38.66 9.18 -15.99
C SER A 92 -37.34 9.32 -15.23
N LYS A 93 -37.34 10.14 -14.18
CA LYS A 93 -36.12 10.27 -13.39
C LYS A 93 -36.23 9.44 -12.11
N PRO A 94 -35.23 8.57 -11.87
CA PRO A 94 -34.08 8.37 -12.74
C PRO A 94 -34.31 7.23 -13.73
N PRO A 95 -33.41 7.07 -14.71
CA PRO A 95 -33.58 5.97 -15.66
C PRO A 95 -33.23 4.69 -14.88
N THR A 96 -34.14 3.72 -14.91
CA THR A 96 -33.89 2.46 -14.22
C THR A 96 -33.70 1.29 -15.19
N PHE A 97 -33.31 0.15 -14.64
CA PHE A 97 -33.10 -1.05 -15.42
C PHE A 97 -33.96 -2.16 -14.81
N GLY A 98 -34.23 -3.22 -15.57
CA GLY A 98 -34.96 -4.34 -15.01
C GLY A 98 -33.96 -5.14 -14.17
N GLN A 99 -34.41 -6.17 -13.47
CA GLN A 99 -33.51 -6.97 -12.64
C GLN A 99 -32.55 -7.89 -13.42
N GLY A 100 -32.83 -8.08 -14.72
CA GLY A 100 -31.98 -8.94 -15.54
C GLY A 100 -32.55 -10.32 -15.77
N THR A 101 -32.19 -10.94 -16.88
CA THR A 101 -32.66 -12.29 -17.21
C THR A 101 -31.47 -13.09 -17.69
N LYS A 102 -31.20 -14.18 -16.96
CA LYS A 102 -30.07 -15.06 -17.24
C LYS A 102 -30.42 -16.06 -18.33
N VAL A 103 -29.63 -16.05 -19.40
CA VAL A 103 -29.86 -16.94 -20.52
C VAL A 103 -28.71 -17.92 -20.70
N GLU A 104 -29.04 -19.21 -20.64
CA GLU A 104 -28.05 -20.27 -20.82
C GLU A 104 -28.58 -21.27 -21.84
N VAL A 105 -27.69 -21.91 -22.58
CA VAL A 105 -28.11 -22.89 -23.57
C VAL A 105 -28.09 -24.30 -23.04
N LYS A 106 -28.82 -25.15 -23.73
CA LYS A 106 -28.95 -26.54 -23.38
C LYS A 106 -28.19 -27.32 -24.45
N ARG A 107 -27.43 -28.33 -24.03
CA ARG A 107 -26.70 -29.17 -24.99
C ARG A 107 -26.80 -30.61 -24.55
N THR A 108 -26.11 -31.49 -25.27
CA THR A 108 -26.10 -32.91 -24.92
C THR A 108 -25.25 -33.10 -23.65
N VAL A 109 -25.59 -34.12 -22.88
CA VAL A 109 -24.87 -34.46 -21.66
C VAL A 109 -23.40 -34.73 -21.98
N ALA A 110 -22.51 -34.06 -21.25
CA ALA A 110 -21.08 -34.22 -21.44
C ALA A 110 -20.48 -34.51 -20.08
N ALA A 111 -19.92 -35.70 -19.93
CA ALA A 111 -19.29 -36.11 -18.68
C ALA A 111 -18.04 -35.26 -18.42
N PRO A 112 -17.76 -34.97 -17.14
CA PRO A 112 -16.58 -34.18 -16.76
C PRO A 112 -15.30 -34.94 -16.76
N SER A 113 -14.21 -34.24 -17.00
CA SER A 113 -12.89 -34.85 -16.98
C SER A 113 -12.33 -34.47 -15.61
N VAL A 114 -12.18 -35.49 -14.75
CA VAL A 114 -11.70 -35.28 -13.39
C VAL A 114 -10.19 -35.38 -13.23
N PHE A 115 -9.65 -34.41 -12.50
CA PHE A 115 -8.22 -34.34 -12.18
C PHE A 115 -8.09 -33.97 -10.70
N ILE A 116 -7.04 -34.46 -10.04
CA ILE A 116 -6.81 -34.14 -8.64
C ILE A 116 -5.39 -33.61 -8.55
N PHE A 117 -5.18 -32.64 -7.68
CA PHE A 117 -3.86 -32.04 -7.51
C PHE A 117 -3.48 -32.03 -6.04
N PRO A 118 -2.29 -32.53 -5.71
CA PRO A 118 -1.82 -32.57 -4.33
C PRO A 118 -1.29 -31.18 -3.96
N PRO A 119 -1.12 -30.90 -2.66
CA PRO A 119 -0.61 -29.58 -2.28
C PRO A 119 0.87 -29.49 -2.66
N SER A 120 1.34 -28.29 -2.98
CA SER A 120 2.74 -28.11 -3.36
C SER A 120 3.69 -28.11 -2.18
N ASP A 121 4.98 -28.30 -2.44
CA ASP A 121 5.98 -28.31 -1.38
C ASP A 121 6.08 -26.94 -0.78
N GLU A 122 6.11 -25.92 -1.64
CA GLU A 122 6.22 -24.52 -1.21
C GLU A 122 5.12 -24.10 -0.23
N GLN A 123 3.92 -24.62 -0.42
CA GLN A 123 2.81 -24.29 0.46
C GLN A 123 2.92 -25.10 1.75
N LEU A 124 3.22 -26.38 1.62
CA LEU A 124 3.36 -27.27 2.77
C LEU A 124 4.35 -26.74 3.81
N LYS A 125 5.43 -26.11 3.34
CA LYS A 125 6.42 -25.55 4.25
C LYS A 125 5.83 -24.36 5.01
N SER A 126 4.76 -23.75 4.49
CA SER A 126 4.14 -22.61 5.15
C SER A 126 3.20 -23.02 6.29
N GLY A 127 2.81 -24.29 6.31
CA GLY A 127 1.93 -24.77 7.37
C GLY A 127 0.54 -25.24 6.97
N THR A 128 0.14 -24.94 5.74
CA THR A 128 -1.17 -25.33 5.20
C THR A 128 -1.08 -26.25 3.99
N ALA A 129 -2.19 -26.93 3.68
CA ALA A 129 -2.24 -27.83 2.54
C ALA A 129 -3.58 -27.76 1.80
N SER A 130 -3.53 -27.29 0.56
CA SER A 130 -4.73 -27.19 -0.29
C SER A 130 -4.73 -28.31 -1.31
N VAL A 131 -5.83 -29.05 -1.36
CA VAL A 131 -5.96 -30.16 -2.31
C VAL A 131 -7.10 -29.77 -3.26
N VAL A 132 -6.75 -29.63 -4.54
CA VAL A 132 -7.71 -29.22 -5.56
C VAL A 132 -8.19 -30.37 -6.46
N CYS A 133 -9.50 -30.38 -6.71
CA CYS A 133 -10.12 -31.37 -7.58
C CYS A 133 -10.75 -30.59 -8.73
N LEU A 134 -10.48 -31.03 -9.95
CA LEU A 134 -11.00 -30.36 -11.13
C LEU A 134 -11.94 -31.20 -11.99
N LEU A 135 -13.08 -30.60 -12.32
CA LEU A 135 -14.08 -31.20 -13.20
C LEU A 135 -14.14 -30.27 -14.41
N ASN A 136 -13.57 -30.70 -15.52
CA ASN A 136 -13.51 -29.90 -16.72
C ASN A 136 -14.49 -30.25 -17.84
N ASN A 137 -15.09 -29.21 -18.42
CA ASN A 137 -16.01 -29.33 -19.55
C ASN A 137 -17.17 -30.30 -19.48
N PHE A 138 -18.10 -30.07 -18.57
CA PHE A 138 -19.26 -30.95 -18.42
C PHE A 138 -20.58 -30.21 -18.58
N TYR A 139 -21.64 -30.98 -18.74
CA TYR A 139 -23.00 -30.46 -18.86
C TYR A 139 -23.96 -31.60 -18.56
N PRO A 140 -25.01 -31.34 -17.74
CA PRO A 140 -25.40 -30.09 -17.08
C PRO A 140 -24.45 -29.65 -15.96
N ARG A 141 -24.72 -28.51 -15.33
CA ARG A 141 -23.84 -28.05 -14.24
C ARG A 141 -24.04 -28.78 -12.90
N GLU A 142 -25.13 -29.54 -12.79
CA GLU A 142 -25.40 -30.29 -11.57
C GLU A 142 -24.34 -31.38 -11.42
N ALA A 143 -23.45 -31.20 -10.45
CA ALA A 143 -22.38 -32.15 -10.20
C ALA A 143 -22.16 -32.29 -8.69
N LYS A 144 -21.84 -33.49 -8.24
CA LYS A 144 -21.58 -33.75 -6.82
C LYS A 144 -20.13 -34.14 -6.61
N VAL A 145 -19.42 -33.40 -5.77
CA VAL A 145 -18.03 -33.71 -5.48
C VAL A 145 -17.84 -34.02 -4.00
N GLN A 146 -17.40 -35.24 -3.71
CA GLN A 146 -17.16 -35.64 -2.33
C GLN A 146 -15.71 -35.96 -2.08
N TRP A 147 -15.16 -35.37 -1.03
CA TRP A 147 -13.77 -35.59 -0.64
C TRP A 147 -13.69 -36.71 0.38
N LYS A 148 -12.71 -37.59 0.20
CA LYS A 148 -12.49 -38.71 1.10
C LYS A 148 -11.03 -38.72 1.50
N VAL A 149 -10.80 -38.90 2.80
CA VAL A 149 -9.43 -38.95 3.32
C VAL A 149 -9.34 -40.32 4.03
N ASP A 150 -8.53 -41.22 3.46
CA ASP A 150 -8.39 -42.59 3.97
C ASP A 150 -9.78 -43.22 3.97
N ASN A 151 -10.55 -42.90 2.92
CA ASN A 151 -11.91 -43.40 2.71
C ASN A 151 -12.96 -42.75 3.61
N ALA A 152 -12.52 -41.88 4.52
CA ALA A 152 -13.44 -41.16 5.43
C ALA A 152 -14.04 -39.97 4.70
N LEU A 153 -15.37 -39.97 4.58
CA LEU A 153 -16.10 -38.90 3.91
C LEU A 153 -16.00 -37.56 4.64
N GLN A 154 -15.51 -36.53 3.94
CA GLN A 154 -15.35 -35.19 4.49
C GLN A 154 -16.59 -34.33 4.24
N SER A 155 -16.69 -33.24 4.99
CA SER A 155 -17.81 -32.30 4.86
C SER A 155 -17.51 -31.00 5.61
N GLY A 156 -17.81 -29.88 4.96
CA GLY A 156 -17.58 -28.58 5.56
C GLY A 156 -16.17 -28.02 5.55
N ASN A 157 -15.23 -28.78 5.02
CA ASN A 157 -13.84 -28.31 4.97
C ASN A 157 -13.33 -28.05 3.55
N SER A 158 -14.27 -27.81 2.64
CA SER A 158 -13.94 -27.55 1.24
C SER A 158 -14.82 -26.44 0.67
N GLN A 159 -14.39 -25.87 -0.45
CA GLN A 159 -15.13 -24.80 -1.14
C GLN A 159 -15.11 -24.96 -2.67
N GLU A 160 -16.30 -24.94 -3.27
CA GLU A 160 -16.43 -25.06 -4.72
C GLU A 160 -16.57 -23.72 -5.44
N SER A 161 -16.23 -23.74 -6.72
CA SER A 161 -16.34 -22.56 -7.59
C SER A 161 -16.55 -23.07 -9.00
N VAL A 162 -17.67 -22.67 -9.59
CA VAL A 162 -18.03 -23.08 -10.94
C VAL A 162 -18.04 -21.88 -11.91
N THR A 163 -17.58 -22.12 -13.13
CA THR A 163 -17.50 -21.08 -14.15
C THR A 163 -18.83 -20.89 -14.88
N GLU A 164 -18.92 -19.76 -15.59
CA GLU A 164 -20.09 -19.45 -16.40
C GLU A 164 -19.99 -20.32 -17.64
N GLN A 165 -21.14 -20.66 -18.24
CA GLN A 165 -21.17 -21.50 -19.43
C GLN A 165 -20.31 -20.93 -20.56
N ASP A 166 -19.49 -21.78 -21.17
CA ASP A 166 -18.59 -21.41 -22.25
C ASP A 166 -19.33 -21.45 -23.59
N SER A 167 -19.17 -20.41 -24.39
CA SER A 167 -19.83 -20.35 -25.68
C SER A 167 -19.18 -21.27 -26.72
N LYS A 168 -17.92 -21.62 -26.51
CA LYS A 168 -17.19 -22.49 -27.45
C LYS A 168 -17.69 -23.94 -27.47
N ASP A 169 -18.15 -24.45 -26.33
CA ASP A 169 -18.65 -25.83 -26.22
C ASP A 169 -19.91 -25.99 -25.37
N SER A 170 -20.36 -24.89 -24.76
CA SER A 170 -21.57 -24.88 -23.92
C SER A 170 -21.47 -25.71 -22.64
N THR A 171 -20.27 -25.79 -22.07
CA THR A 171 -20.06 -26.59 -20.85
C THR A 171 -19.66 -25.73 -19.65
N TYR A 172 -19.55 -26.39 -18.51
CA TYR A 172 -19.15 -25.77 -17.26
C TYR A 172 -17.90 -26.46 -16.74
N SER A 173 -17.23 -25.81 -15.78
CA SER A 173 -16.04 -26.34 -15.16
C SER A 173 -16.15 -26.07 -13.68
N LEU A 174 -15.70 -27.02 -12.86
CA LEU A 174 -15.79 -26.86 -11.42
C LEU A 174 -14.48 -27.07 -10.68
N SER A 175 -14.25 -26.23 -9.68
CA SER A 175 -13.04 -26.28 -8.87
C SER A 175 -13.42 -26.52 -7.43
N SER A 176 -12.92 -27.61 -6.84
CA SER A 176 -13.18 -27.91 -5.44
C SER A 176 -11.88 -27.89 -4.68
N THR A 177 -11.84 -27.20 -3.55
CA THR A 177 -10.62 -27.12 -2.79
C THR A 177 -10.79 -27.56 -1.34
N LEU A 178 -9.95 -28.50 -0.92
CA LEU A 178 -9.97 -29.01 0.44
C LEU A 178 -8.77 -28.42 1.18
N THR A 179 -9.03 -27.72 2.28
CA THR A 179 -7.95 -27.11 3.05
C THR A 179 -7.80 -27.74 4.45
N LEU A 180 -6.57 -28.18 4.71
CA LEU A 180 -6.20 -28.81 5.97
C LEU A 180 -4.88 -28.23 6.39
N SER A 181 -4.53 -28.38 7.67
CA SER A 181 -3.23 -27.91 8.14
C SER A 181 -2.20 -28.98 7.73
N LYS A 182 -0.92 -28.62 7.71
CA LYS A 182 0.14 -29.55 7.35
C LYS A 182 0.12 -30.77 8.28
N ALA A 183 -0.02 -30.53 9.57
CA ALA A 183 -0.06 -31.59 10.57
C ALA A 183 -1.24 -32.54 10.37
N ASP A 184 -2.42 -31.99 10.09
CA ASP A 184 -3.62 -32.79 9.87
C ASP A 184 -3.46 -33.54 8.55
N TYR A 185 -2.84 -32.88 7.57
CA TYR A 185 -2.61 -33.44 6.25
C TYR A 185 -1.66 -34.64 6.33
N GLU A 186 -0.63 -34.52 7.16
CA GLU A 186 0.36 -35.58 7.29
C GLU A 186 0.00 -36.79 8.13
N LYS A 187 -1.21 -36.79 8.70
CA LYS A 187 -1.63 -37.92 9.50
C LYS A 187 -2.65 -38.77 8.74
N HIS A 188 -2.61 -38.67 7.41
CA HIS A 188 -3.51 -39.44 6.54
C HIS A 188 -2.80 -39.71 5.21
N LYS A 189 -3.20 -40.75 4.50
CA LYS A 189 -2.51 -41.08 3.25
C LYS A 189 -3.27 -40.91 1.93
N VAL A 190 -4.41 -41.59 1.81
CA VAL A 190 -5.24 -41.56 0.60
C VAL A 190 -6.18 -40.36 0.49
N TYR A 191 -5.88 -39.46 -0.44
CA TYR A 191 -6.71 -38.28 -0.69
C TYR A 191 -7.47 -38.51 -1.98
N ALA A 192 -8.77 -38.70 -1.87
CA ALA A 192 -9.61 -38.97 -3.03
C ALA A 192 -10.74 -37.97 -3.28
N CYS A 193 -11.04 -37.81 -4.57
CA CYS A 193 -12.10 -36.93 -5.05
C CYS A 193 -13.13 -37.75 -5.85
N GLU A 194 -14.29 -37.98 -5.25
CA GLU A 194 -15.36 -38.74 -5.90
C GLU A 194 -16.40 -37.82 -6.60
N VAL A 195 -16.56 -38.02 -7.91
CA VAL A 195 -17.46 -37.21 -8.73
C VAL A 195 -18.73 -37.92 -9.27
N THR A 196 -19.89 -37.35 -8.97
CA THR A 196 -21.15 -37.88 -9.44
C THR A 196 -21.70 -36.90 -10.46
N HIS A 197 -22.11 -37.40 -11.63
CA HIS A 197 -22.65 -36.56 -12.69
C HIS A 197 -23.47 -37.39 -13.65
N GLN A 198 -24.48 -36.77 -14.23
CA GLN A 198 -25.36 -37.46 -15.17
C GLN A 198 -24.65 -38.16 -16.34
N GLY A 199 -23.50 -37.63 -16.75
CA GLY A 199 -22.76 -38.25 -17.84
C GLY A 199 -21.84 -39.39 -17.43
N LEU A 200 -21.93 -39.80 -16.16
CA LEU A 200 -21.10 -40.88 -15.64
C LEU A 200 -21.97 -42.03 -15.16
N SER A 201 -21.74 -43.23 -15.72
CA SER A 201 -22.50 -44.43 -15.34
C SER A 201 -22.39 -44.67 -13.83
N SER A 202 -21.16 -44.53 -13.35
CA SER A 202 -20.82 -44.71 -11.95
C SER A 202 -19.92 -43.55 -11.55
N PRO A 203 -19.95 -43.16 -10.27
CA PRO A 203 -19.12 -42.05 -9.79
C PRO A 203 -17.65 -42.30 -10.09
N VAL A 204 -16.97 -41.26 -10.56
CA VAL A 204 -15.56 -41.33 -10.89
C VAL A 204 -14.69 -40.84 -9.73
N THR A 205 -13.69 -41.62 -9.36
CA THR A 205 -12.79 -41.28 -8.26
C THR A 205 -11.34 -41.07 -8.72
N LYS A 206 -10.78 -39.93 -8.35
CA LYS A 206 -9.40 -39.62 -8.68
C LYS A 206 -8.69 -39.41 -7.36
N SER A 207 -7.56 -40.07 -7.17
CA SER A 207 -6.83 -39.96 -5.92
C SER A 207 -5.32 -40.08 -6.00
N PHE A 208 -4.69 -39.90 -4.86
CA PHE A 208 -3.24 -39.99 -4.74
C PHE A 208 -2.90 -40.31 -3.30
N ASN A 209 -1.69 -40.84 -3.10
CA ASN A 209 -1.20 -41.18 -1.78
C ASN A 209 -0.18 -40.15 -1.37
N ARG A 210 -0.37 -39.57 -0.18
CA ARG A 210 0.57 -38.57 0.33
C ARG A 210 1.94 -39.23 0.51
N GLY A 211 2.98 -38.49 0.19
CA GLY A 211 4.33 -39.02 0.31
C GLY A 211 4.76 -39.68 -0.99
N GLU A 212 3.78 -39.99 -1.83
CA GLU A 212 4.00 -40.64 -3.11
C GLU A 212 3.86 -39.79 -4.38
N CYS A 213 4.17 -38.49 -4.32
CA CYS A 213 4.02 -37.65 -5.52
C CYS A 213 5.26 -36.92 -6.00
N GLU B 1 -13.39 4.64 -33.54
CA GLU B 1 -13.86 3.65 -32.52
C GLU B 1 -13.97 4.32 -31.15
N VAL B 2 -15.16 4.28 -30.58
CA VAL B 2 -15.40 4.87 -29.26
C VAL B 2 -14.78 4.04 -28.15
N GLN B 3 -14.00 4.68 -27.28
CA GLN B 3 -13.35 3.99 -26.17
C GLN B 3 -13.48 4.69 -24.83
N LEU B 4 -13.98 3.94 -23.83
CA LEU B 4 -14.16 4.44 -22.47
C LEU B 4 -13.32 3.57 -21.53
N LEU B 5 -12.44 4.21 -20.75
CA LEU B 5 -11.56 3.49 -19.83
C LEU B 5 -11.58 4.02 -18.41
N GLU B 6 -12.12 3.24 -17.48
CA GLU B 6 -12.17 3.63 -16.08
C GLU B 6 -10.88 3.26 -15.31
N SER B 7 -10.61 4.03 -14.26
CA SER B 7 -9.45 3.83 -13.41
C SER B 7 -9.71 4.55 -12.09
N GLY B 8 -9.02 4.14 -11.03
CA GLY B 8 -9.20 4.79 -9.74
C GLY B 8 -9.86 3.94 -8.69
N GLY B 9 -10.42 2.80 -9.08
CA GLY B 9 -11.07 1.93 -8.12
C GLY B 9 -10.11 1.13 -7.24
N GLY B 10 -10.53 0.92 -6.00
CA GLY B 10 -9.71 0.17 -5.06
C GLY B 10 -10.35 0.02 -3.71
N LEU B 11 -9.56 -0.40 -2.74
CA LEU B 11 -10.03 -0.58 -1.39
C LEU B 11 -10.16 0.78 -0.73
N VAL B 12 -11.30 0.99 -0.08
CA VAL B 12 -11.55 2.23 0.63
C VAL B 12 -12.16 1.90 1.98
N GLN B 13 -11.77 2.68 2.98
CA GLN B 13 -12.24 2.55 4.35
C GLN B 13 -13.65 3.13 4.43
N PRO B 14 -14.57 2.49 5.18
CA PRO B 14 -15.95 2.98 5.35
C PRO B 14 -15.97 4.43 5.83
N GLY B 15 -16.77 5.27 5.15
CA GLY B 15 -16.85 6.70 5.46
C GLY B 15 -15.76 7.49 4.78
N GLY B 16 -15.00 6.84 3.90
CA GLY B 16 -13.91 7.49 3.20
C GLY B 16 -14.25 8.05 1.83
N SER B 17 -13.25 8.65 1.19
CA SER B 17 -13.39 9.25 -0.12
C SER B 17 -12.57 8.52 -1.17
N LEU B 18 -13.02 8.64 -2.41
CA LEU B 18 -12.37 8.04 -3.55
C LEU B 18 -12.80 8.81 -4.80
N ARG B 19 -11.91 8.87 -5.78
CA ARG B 19 -12.20 9.56 -7.03
C ARG B 19 -11.86 8.66 -8.22
N LEU B 20 -12.88 8.37 -9.03
CA LEU B 20 -12.72 7.55 -10.24
C LEU B 20 -12.55 8.46 -11.46
N SER B 21 -11.89 7.95 -12.49
CA SER B 21 -11.69 8.72 -13.73
C SER B 21 -12.04 7.87 -14.97
N CYS B 22 -12.53 8.52 -16.01
CA CYS B 22 -12.92 7.83 -17.23
C CYS B 22 -12.34 8.58 -18.42
N ALA B 23 -11.26 8.04 -18.99
CA ALA B 23 -10.60 8.63 -20.15
C ALA B 23 -11.28 8.15 -21.42
N THR B 24 -11.67 9.08 -22.29
CA THR B 24 -12.33 8.74 -23.54
C THR B 24 -11.44 8.98 -24.77
N SER B 25 -11.89 8.49 -25.92
CA SER B 25 -11.20 8.63 -27.20
C SER B 25 -12.06 8.04 -28.33
N GLY B 26 -11.78 8.49 -29.55
CA GLY B 26 -12.51 8.00 -30.71
C GLY B 26 -13.80 8.71 -31.07
N PHE B 27 -14.08 9.80 -30.37
CA PHE B 27 -15.29 10.61 -30.59
C PHE B 27 -15.10 11.99 -29.95
N THR B 28 -15.85 12.98 -30.42
CA THR B 28 -15.76 14.34 -29.87
C THR B 28 -16.37 14.35 -28.48
N PHE B 29 -15.50 14.41 -27.48
CA PHE B 29 -15.87 14.39 -26.08
C PHE B 29 -16.94 15.35 -25.58
N THR B 30 -16.79 16.63 -25.87
CA THR B 30 -17.77 17.62 -25.39
C THR B 30 -19.12 17.62 -26.06
N ASP B 31 -19.27 16.80 -27.10
CA ASP B 31 -20.53 16.70 -27.81
C ASP B 31 -21.49 15.71 -27.18
N TYR B 32 -21.01 14.89 -26.24
CA TYR B 32 -21.85 13.88 -25.61
C TYR B 32 -22.01 13.97 -24.09
N TYR B 33 -23.18 13.50 -23.65
CA TYR B 33 -23.55 13.44 -22.24
C TYR B 33 -22.86 12.20 -21.67
N MET B 34 -22.14 12.38 -20.58
CA MET B 34 -21.44 11.27 -19.96
C MET B 34 -22.11 10.86 -18.66
N ASN B 35 -22.27 9.56 -18.46
CA ASN B 35 -22.91 9.01 -17.27
C ASN B 35 -22.02 8.06 -16.44
N TRP B 36 -22.60 7.63 -15.31
CA TRP B 36 -21.97 6.71 -14.39
C TRP B 36 -23.04 5.75 -13.91
N VAL B 37 -22.77 4.45 -14.09
CA VAL B 37 -23.66 3.37 -13.69
C VAL B 37 -22.84 2.34 -12.90
N ARG B 38 -23.39 1.81 -11.82
CA ARG B 38 -22.66 0.85 -11.00
C ARG B 38 -23.39 -0.51 -10.86
N GLN B 39 -22.61 -1.56 -10.65
CA GLN B 39 -23.16 -2.90 -10.50
C GLN B 39 -22.58 -3.63 -9.32
N ALA B 40 -23.44 -3.93 -8.34
CA ALA B 40 -23.05 -4.67 -7.15
C ALA B 40 -22.87 -6.12 -7.61
N PRO B 41 -21.76 -6.77 -7.21
CA PRO B 41 -21.27 -8.14 -7.49
C PRO B 41 -22.25 -9.30 -7.71
N GLY B 42 -23.26 -9.11 -8.56
CA GLY B 42 -24.22 -10.17 -8.83
C GLY B 42 -25.63 -9.63 -8.89
N LYS B 43 -25.77 -8.37 -8.52
CA LYS B 43 -27.06 -7.69 -8.53
C LYS B 43 -27.21 -6.96 -9.86
N GLY B 44 -28.12 -5.98 -9.89
CA GLY B 44 -28.39 -5.24 -11.10
C GLY B 44 -27.48 -4.07 -11.42
N LEU B 45 -28.00 -3.21 -12.29
CA LEU B 45 -27.32 -2.02 -12.76
C LEU B 45 -28.08 -0.79 -12.22
N GLU B 46 -27.37 0.13 -11.56
CA GLU B 46 -28.00 1.33 -11.02
C GLU B 46 -27.29 2.58 -11.53
N TRP B 47 -28.07 3.47 -12.13
CA TRP B 47 -27.56 4.74 -12.67
C TRP B 47 -27.23 5.69 -11.52
N LEU B 48 -26.13 6.43 -11.65
CA LEU B 48 -25.69 7.36 -10.61
C LEU B 48 -25.90 8.82 -10.96
N GLY B 49 -25.63 9.18 -12.21
CA GLY B 49 -25.83 10.55 -12.64
C GLY B 49 -25.16 10.86 -13.97
N PHE B 50 -25.18 12.13 -14.38
CA PHE B 50 -24.54 12.54 -15.63
C PHE B 50 -24.10 13.99 -15.62
N ILE B 51 -23.32 14.38 -16.62
CA ILE B 51 -22.86 15.74 -16.77
C ILE B 51 -23.05 16.02 -18.25
N GLY B 52 -23.86 17.01 -18.56
CA GLY B 52 -24.12 17.31 -19.95
C GLY B 52 -22.93 17.78 -20.76
N ASN B 53 -23.18 17.94 -22.05
CA ASN B 53 -22.18 18.41 -23.00
C ASN B 53 -22.14 19.93 -22.91
N LYS B 54 -21.19 20.58 -23.59
CA LYS B 54 -21.12 22.03 -23.56
C LYS B 54 -22.28 22.63 -24.34
N ALA B 55 -23.49 22.30 -23.87
CA ALA B 55 -24.75 22.77 -24.39
C ALA B 55 -25.45 23.02 -23.08
N ASN B 56 -24.63 23.28 -22.04
CA ASN B 56 -25.08 23.55 -20.68
C ASN B 56 -23.95 23.91 -19.73
N GLY B 57 -22.74 23.97 -20.27
CA GLY B 57 -21.60 24.31 -19.45
C GLY B 57 -21.35 23.31 -18.35
N TYR B 58 -21.76 22.05 -18.56
CA TYR B 58 -21.57 20.94 -17.60
C TYR B 58 -22.74 20.78 -16.60
N THR B 59 -23.97 20.68 -17.10
CA THR B 59 -25.11 20.50 -16.20
C THR B 59 -25.15 19.06 -15.66
N THR B 60 -25.25 18.90 -14.35
CA THR B 60 -25.24 17.59 -13.72
C THR B 60 -26.59 17.14 -13.16
N GLU B 61 -26.75 15.82 -13.03
CA GLU B 61 -27.96 15.21 -12.49
C GLU B 61 -27.51 13.99 -11.70
N TYR B 62 -28.14 13.72 -10.56
CA TYR B 62 -27.77 12.57 -9.73
C TYR B 62 -28.99 11.84 -9.19
N SER B 63 -28.81 10.56 -8.84
CA SER B 63 -29.88 9.77 -8.27
C SER B 63 -29.97 10.15 -6.80
N ALA B 64 -31.15 9.99 -6.21
CA ALA B 64 -31.38 10.31 -4.81
C ALA B 64 -30.45 9.52 -3.89
N SER B 65 -30.07 8.31 -4.33
CA SER B 65 -29.21 7.45 -3.54
C SER B 65 -27.77 7.93 -3.37
N VAL B 66 -27.31 8.84 -4.23
CA VAL B 66 -25.93 9.35 -4.11
C VAL B 66 -25.84 10.87 -4.10
N LYS B 67 -26.99 11.54 -4.21
CA LYS B 67 -26.98 13.00 -4.20
C LYS B 67 -26.49 13.53 -2.86
N GLY B 68 -25.49 14.41 -2.92
CA GLY B 68 -24.93 14.99 -1.72
C GLY B 68 -23.58 14.36 -1.38
N ARG B 69 -23.35 13.15 -1.90
CA ARG B 69 -22.12 12.41 -1.65
C ARG B 69 -21.22 12.33 -2.89
N PHE B 70 -21.78 11.85 -4.00
CA PHE B 70 -21.03 11.74 -5.26
C PHE B 70 -21.15 13.03 -6.08
N THR B 71 -20.08 13.36 -6.79
CA THR B 71 -20.01 14.56 -7.61
C THR B 71 -19.35 14.25 -8.95
N ILE B 72 -20.05 14.54 -10.04
CA ILE B 72 -19.52 14.30 -11.38
C ILE B 72 -18.99 15.57 -11.98
N SER B 73 -17.86 15.44 -12.68
CA SER B 73 -17.22 16.57 -13.33
C SER B 73 -16.47 16.09 -14.56
N ARG B 74 -16.07 17.02 -15.42
CA ARG B 74 -15.34 16.65 -16.61
C ARG B 74 -14.30 17.70 -16.95
N ASP B 75 -13.29 17.29 -17.71
CA ASP B 75 -12.20 18.16 -18.14
C ASP B 75 -12.07 18.03 -19.64
N LYS B 76 -12.58 19.02 -20.37
CA LYS B 76 -12.54 19.03 -21.85
C LYS B 76 -11.14 18.86 -22.46
N SER B 77 -10.16 19.53 -21.86
CA SER B 77 -8.76 19.48 -22.32
C SER B 77 -8.15 18.09 -22.23
N LYS B 78 -8.72 17.25 -21.38
CA LYS B 78 -8.23 15.88 -21.20
C LYS B 78 -9.18 14.80 -21.71
N SER B 79 -10.39 15.17 -22.11
CA SER B 79 -11.39 14.20 -22.57
C SER B 79 -11.58 13.16 -21.47
N THR B 80 -11.63 13.64 -20.23
CA THR B 80 -11.76 12.78 -19.07
C THR B 80 -12.95 13.17 -18.17
N LEU B 81 -13.64 12.15 -17.67
CA LEU B 81 -14.80 12.30 -16.80
C LEU B 81 -14.40 11.85 -15.37
N TYR B 82 -14.93 12.48 -14.34
CA TYR B 82 -14.60 12.10 -12.96
C TYR B 82 -15.80 11.84 -12.07
N LEU B 83 -15.59 11.00 -11.06
CA LEU B 83 -16.61 10.69 -10.08
C LEU B 83 -15.99 10.79 -8.69
N GLN B 84 -16.29 11.88 -8.01
CA GLN B 84 -15.79 12.10 -6.65
C GLN B 84 -16.80 11.48 -5.71
N MET B 85 -16.38 10.45 -4.98
CA MET B 85 -17.26 9.77 -4.05
C MET B 85 -16.82 10.09 -2.64
N ASN B 86 -17.75 10.51 -1.80
CA ASN B 86 -17.44 10.85 -0.41
C ASN B 86 -18.39 10.11 0.52
N THR B 87 -17.99 9.97 1.78
CA THR B 87 -18.77 9.25 2.81
C THR B 87 -19.15 7.85 2.33
N LEU B 88 -18.17 7.13 1.78
CA LEU B 88 -18.38 5.78 1.26
C LEU B 88 -18.85 4.76 2.29
N GLN B 89 -19.67 3.83 1.85
CA GLN B 89 -20.21 2.80 2.73
C GLN B 89 -20.18 1.43 2.08
N ALA B 90 -20.48 0.41 2.89
CA ALA B 90 -20.49 -0.97 2.45
C ALA B 90 -21.29 -1.23 1.18
N GLU B 91 -22.47 -0.61 1.08
CA GLU B 91 -23.35 -0.78 -0.07
C GLU B 91 -22.91 -0.06 -1.34
N ASP B 92 -21.77 0.64 -1.27
CA ASP B 92 -21.23 1.36 -2.41
C ASP B 92 -20.17 0.51 -3.11
N SER B 93 -19.94 -0.70 -2.60
CA SER B 93 -18.97 -1.63 -3.16
C SER B 93 -19.58 -2.19 -4.44
N ALA B 94 -18.94 -1.89 -5.57
CA ALA B 94 -19.46 -2.33 -6.86
C ALA B 94 -18.47 -1.99 -7.96
N ILE B 95 -18.80 -2.43 -9.18
CA ILE B 95 -18.02 -2.15 -10.38
C ILE B 95 -18.67 -0.89 -10.94
N TYR B 96 -17.87 0.13 -11.16
CA TYR B 96 -18.37 1.40 -11.67
C TYR B 96 -18.05 1.58 -13.16
N TYR B 97 -19.09 1.73 -13.98
CA TYR B 97 -18.93 1.92 -15.42
C TYR B 97 -19.23 3.36 -15.81
N CYS B 98 -18.41 3.92 -16.69
CA CYS B 98 -18.69 5.25 -17.19
C CYS B 98 -19.28 4.90 -18.54
N THR B 99 -20.42 5.48 -18.86
CA THR B 99 -21.08 5.19 -20.10
C THR B 99 -21.33 6.44 -20.91
N ARG B 100 -21.65 6.26 -22.18
CA ARG B 100 -21.89 7.37 -23.10
C ARG B 100 -23.36 7.38 -23.56
N ASP B 101 -23.99 8.56 -23.50
CA ASP B 101 -25.37 8.73 -23.93
C ASP B 101 -25.36 9.10 -25.43
N ARG B 102 -26.19 8.41 -26.20
CA ARG B 102 -26.28 8.66 -27.63
C ARG B 102 -26.85 10.06 -27.85
N GLY B 103 -27.78 10.45 -26.98
CA GLY B 103 -28.40 11.76 -27.08
C GLY B 103 -28.56 12.43 -25.74
N LEU B 104 -29.75 12.97 -25.49
CA LEU B 104 -30.06 13.64 -24.22
C LEU B 104 -31.09 12.77 -23.53
N ARG B 105 -30.70 12.17 -22.41
CA ARG B 105 -31.57 11.27 -21.64
C ARG B 105 -32.15 10.23 -22.59
N PHE B 106 -31.28 9.66 -23.43
CA PHE B 106 -31.69 8.68 -24.41
C PHE B 106 -31.31 7.26 -23.93
N TYR B 107 -30.16 6.75 -24.38
CA TYR B 107 -29.69 5.43 -23.98
C TYR B 107 -28.16 5.39 -23.96
N PHE B 108 -27.61 4.37 -23.30
CA PHE B 108 -26.15 4.22 -23.18
C PHE B 108 -25.61 3.35 -24.31
N ASP B 109 -25.09 4.01 -25.35
CA ASP B 109 -24.57 3.29 -26.50
C ASP B 109 -23.19 2.71 -26.32
N TYR B 110 -22.41 3.28 -25.42
CA TYR B 110 -21.05 2.80 -25.16
C TYR B 110 -20.73 2.72 -23.68
N TRP B 111 -20.00 1.66 -23.32
CA TRP B 111 -19.61 1.41 -21.94
C TRP B 111 -18.12 1.11 -21.78
N GLY B 112 -17.61 1.41 -20.60
CA GLY B 112 -16.23 1.10 -20.30
C GLY B 112 -16.27 -0.29 -19.68
N GLN B 113 -15.10 -0.89 -19.40
CA GLN B 113 -15.12 -2.22 -18.81
C GLN B 113 -15.30 -2.21 -17.29
N GLY B 114 -15.21 -1.03 -16.69
CA GLY B 114 -15.41 -0.89 -15.27
C GLY B 114 -14.17 -0.89 -14.38
N THR B 115 -14.33 -0.31 -13.20
CA THR B 115 -13.27 -0.25 -12.20
C THR B 115 -13.92 -0.59 -10.86
N LEU B 116 -13.38 -1.60 -10.19
CA LEU B 116 -13.91 -2.09 -8.93
C LEU B 116 -13.62 -1.27 -7.67
N VAL B 117 -14.67 -0.94 -6.93
CA VAL B 117 -14.52 -0.19 -5.69
C VAL B 117 -14.93 -1.15 -4.57
N THR B 118 -14.11 -1.19 -3.53
CA THR B 118 -14.33 -2.07 -2.39
C THR B 118 -14.29 -1.27 -1.11
N VAL B 119 -15.44 -1.15 -0.45
CA VAL B 119 -15.52 -0.41 0.81
C VAL B 119 -15.45 -1.42 1.96
N SER B 120 -14.27 -1.49 2.57
CA SER B 120 -14.01 -2.41 3.65
C SER B 120 -12.95 -1.88 4.59
N SER B 121 -13.02 -2.33 5.83
CA SER B 121 -12.06 -1.92 6.86
C SER B 121 -10.87 -2.89 6.88
N ALA B 122 -11.00 -4.00 6.14
CA ALA B 122 -9.93 -4.99 6.05
C ALA B 122 -8.73 -4.40 5.33
N SER B 123 -7.58 -5.06 5.44
CA SER B 123 -6.36 -4.57 4.82
C SER B 123 -5.94 -5.33 3.57
N THR B 124 -5.11 -4.68 2.76
CA THR B 124 -4.59 -5.26 1.54
C THR B 124 -3.55 -6.33 1.80
N LYS B 125 -3.77 -7.50 1.18
CA LYS B 125 -2.84 -8.62 1.30
C LYS B 125 -2.59 -9.25 -0.07
N GLY B 126 -1.33 -9.30 -0.48
CA GLY B 126 -0.96 -9.91 -1.75
C GLY B 126 -1.13 -11.42 -1.69
N PRO B 127 -1.36 -12.10 -2.82
CA PRO B 127 -1.54 -13.56 -2.86
C PRO B 127 -0.27 -14.37 -2.92
N SER B 128 -0.42 -15.66 -2.64
CA SER B 128 0.68 -16.61 -2.75
C SER B 128 0.28 -17.46 -3.95
N VAL B 129 1.23 -17.71 -4.83
CA VAL B 129 0.92 -18.49 -6.01
C VAL B 129 1.59 -19.86 -5.95
N PHE B 130 0.76 -20.90 -5.82
CA PHE B 130 1.23 -22.27 -5.74
C PHE B 130 0.84 -23.01 -7.02
N PRO B 131 1.74 -23.87 -7.52
CA PRO B 131 1.51 -24.65 -8.74
C PRO B 131 0.57 -25.83 -8.52
N LEU B 132 -0.20 -26.14 -9.54
CA LEU B 132 -1.12 -27.26 -9.52
C LEU B 132 -0.62 -28.27 -10.55
N ALA B 133 -0.03 -29.36 -10.08
CA ALA B 133 0.50 -30.37 -10.98
C ALA B 133 0.12 -31.75 -10.45
N PRO B 134 -0.08 -32.72 -11.36
CA PRO B 134 -0.44 -34.09 -10.98
C PRO B 134 0.75 -34.83 -10.39
N CYS B 135 0.50 -35.92 -9.68
CA CYS B 135 1.59 -36.71 -9.07
C CYS B 135 2.51 -37.31 -10.13
N SER B 136 1.92 -37.84 -11.20
CA SER B 136 2.66 -38.44 -12.32
C SER B 136 1.96 -38.15 -13.64
N ARG B 137 2.74 -38.05 -14.71
CA ARG B 137 2.24 -37.78 -16.06
C ARG B 137 1.20 -38.80 -16.55
N SER B 138 1.48 -40.09 -16.37
CA SER B 138 0.60 -41.18 -16.81
C SER B 138 0.43 -41.23 -18.33
N THR B 139 1.10 -42.20 -18.95
CA THR B 139 1.09 -42.38 -20.40
C THR B 139 -0.24 -42.89 -20.99
N SER B 140 -1.13 -43.38 -20.15
CA SER B 140 -2.44 -43.88 -20.57
C SER B 140 -3.29 -42.74 -21.13
N GLU B 141 -3.51 -41.73 -20.29
CA GLU B 141 -4.30 -40.57 -20.66
C GLU B 141 -3.52 -39.62 -21.58
N SER B 142 -4.17 -39.19 -22.65
CA SER B 142 -3.56 -38.30 -23.63
C SER B 142 -3.58 -36.82 -23.22
N THR B 143 -4.46 -36.47 -22.29
CA THR B 143 -4.56 -35.09 -21.82
C THR B 143 -4.29 -34.95 -20.32
N ALA B 144 -3.51 -33.94 -19.97
CA ALA B 144 -3.15 -33.64 -18.58
C ALA B 144 -3.51 -32.20 -18.23
N ALA B 145 -3.79 -31.96 -16.96
CA ALA B 145 -4.14 -30.61 -16.51
C ALA B 145 -3.10 -30.03 -15.57
N LEU B 146 -2.83 -28.74 -15.76
CA LEU B 146 -1.90 -28.01 -14.90
C LEU B 146 -2.66 -26.80 -14.36
N GLY B 147 -2.02 -26.01 -13.51
CA GLY B 147 -2.70 -24.86 -12.96
C GLY B 147 -1.91 -24.09 -11.93
N CYS B 148 -2.56 -23.07 -11.39
CA CYS B 148 -1.97 -22.23 -10.36
C CYS B 148 -3.05 -21.88 -9.37
N LEU B 149 -2.69 -21.90 -8.09
CA LEU B 149 -3.62 -21.56 -7.02
C LEU B 149 -3.19 -20.23 -6.43
N VAL B 150 -3.98 -19.19 -6.71
CA VAL B 150 -3.73 -17.82 -6.21
C VAL B 150 -4.49 -17.71 -4.90
N LYS B 151 -3.78 -17.92 -3.80
CA LYS B 151 -4.40 -17.92 -2.47
C LYS B 151 -4.08 -16.76 -1.53
N ASP B 152 -5.05 -16.47 -0.66
CA ASP B 152 -4.97 -15.43 0.37
C ASP B 152 -4.73 -13.99 -0.06
N TYR B 153 -5.66 -13.42 -0.81
CA TYR B 153 -5.52 -12.03 -1.24
C TYR B 153 -6.75 -11.21 -0.95
N PHE B 154 -6.53 -9.91 -0.88
CA PHE B 154 -7.58 -8.94 -0.64
C PHE B 154 -7.05 -7.57 -1.05
N PRO B 155 -7.86 -6.79 -1.79
CA PRO B 155 -9.20 -7.19 -2.21
C PRO B 155 -9.15 -7.73 -3.63
N GLU B 156 -10.30 -7.82 -4.28
CA GLU B 156 -10.34 -8.24 -5.66
C GLU B 156 -9.84 -7.01 -6.44
N PRO B 157 -9.41 -7.21 -7.69
CA PRO B 157 -9.37 -8.48 -8.41
C PRO B 157 -7.94 -8.96 -8.69
N VAL B 158 -7.82 -10.13 -9.31
CA VAL B 158 -6.53 -10.68 -9.67
C VAL B 158 -6.60 -11.07 -11.16
N THR B 159 -5.49 -10.89 -11.86
CA THR B 159 -5.38 -11.23 -13.28
C THR B 159 -4.48 -12.43 -13.47
N VAL B 160 -4.89 -13.37 -14.31
CA VAL B 160 -4.10 -14.57 -14.57
C VAL B 160 -4.01 -14.92 -16.05
N SER B 161 -2.80 -15.03 -16.57
CA SER B 161 -2.57 -15.41 -17.96
C SER B 161 -1.52 -16.53 -17.99
N TRP B 162 -1.45 -17.26 -19.10
CA TRP B 162 -0.50 -18.36 -19.21
C TRP B 162 0.52 -18.14 -20.31
N ASN B 163 1.79 -18.35 -19.96
CA ASN B 163 2.91 -18.17 -20.86
C ASN B 163 2.79 -16.83 -21.58
N SER B 164 2.60 -15.79 -20.78
CA SER B 164 2.46 -14.40 -21.23
C SER B 164 1.42 -14.15 -22.32
N GLY B 165 0.28 -14.83 -22.22
CA GLY B 165 -0.78 -14.65 -23.19
C GLY B 165 -0.68 -15.57 -24.40
N ALA B 166 0.47 -16.25 -24.55
CA ALA B 166 0.67 -17.18 -25.67
C ALA B 166 -0.27 -18.39 -25.60
N LEU B 167 -0.52 -18.87 -24.38
CA LEU B 167 -1.41 -20.00 -24.14
C LEU B 167 -2.76 -19.48 -23.66
N THR B 168 -3.79 -19.76 -24.45
CA THR B 168 -5.14 -19.30 -24.16
C THR B 168 -6.17 -20.42 -24.31
N SER B 169 -5.86 -21.35 -25.21
CA SER B 169 -6.76 -22.49 -25.44
C SER B 169 -6.74 -23.44 -24.24
N GLY B 170 -7.93 -23.82 -23.78
CA GLY B 170 -8.06 -24.73 -22.67
C GLY B 170 -7.96 -24.10 -21.29
N VAL B 171 -7.77 -22.78 -21.24
CA VAL B 171 -7.67 -22.08 -19.96
C VAL B 171 -9.02 -21.81 -19.31
N HIS B 172 -9.09 -22.06 -18.00
CA HIS B 172 -10.31 -21.85 -17.22
C HIS B 172 -9.92 -21.22 -15.89
N THR B 173 -10.06 -19.90 -15.81
CA THR B 173 -9.76 -19.19 -14.58
C THR B 173 -11.10 -19.13 -13.85
N PHE B 174 -11.16 -19.72 -12.65
CA PHE B 174 -12.39 -19.77 -11.86
C PHE B 174 -12.69 -18.53 -11.03
N PRO B 175 -13.98 -18.28 -10.75
CA PRO B 175 -14.31 -17.12 -9.94
C PRO B 175 -13.77 -17.35 -8.51
N ALA B 176 -13.28 -16.29 -7.89
CA ALA B 176 -12.75 -16.37 -6.54
C ALA B 176 -13.82 -16.72 -5.52
N VAL B 177 -13.41 -17.45 -4.48
CA VAL B 177 -14.30 -17.81 -3.37
C VAL B 177 -13.74 -17.07 -2.16
N LEU B 178 -14.63 -16.55 -1.32
CA LEU B 178 -14.20 -15.82 -0.14
C LEU B 178 -14.03 -16.84 0.98
N GLN B 179 -12.81 -17.00 1.44
CA GLN B 179 -12.49 -17.95 2.49
C GLN B 179 -12.99 -17.48 3.85
N SER B 180 -13.13 -18.42 4.78
CA SER B 180 -13.59 -18.13 6.14
C SER B 180 -12.73 -17.06 6.82
N SER B 181 -11.55 -16.79 6.26
CA SER B 181 -10.62 -15.80 6.81
C SER B 181 -10.83 -14.41 6.21
N GLY B 182 -11.79 -14.29 5.30
CA GLY B 182 -12.05 -13.00 4.68
C GLY B 182 -11.11 -12.71 3.53
N LEU B 183 -10.27 -13.69 3.18
CA LEU B 183 -9.32 -13.55 2.10
C LEU B 183 -9.81 -14.41 0.94
N TYR B 184 -9.58 -13.93 -0.28
CA TYR B 184 -10.00 -14.67 -1.46
C TYR B 184 -8.97 -15.69 -1.88
N SER B 185 -9.40 -16.60 -2.73
CA SER B 185 -8.54 -17.64 -3.26
C SER B 185 -9.18 -18.15 -4.55
N LEU B 186 -8.37 -18.32 -5.59
CA LEU B 186 -8.88 -18.83 -6.85
C LEU B 186 -7.85 -19.69 -7.59
N SER B 187 -8.34 -20.58 -8.44
CA SER B 187 -7.50 -21.45 -9.24
C SER B 187 -7.67 -21.20 -10.73
N SER B 188 -6.56 -21.16 -11.45
CA SER B 188 -6.56 -20.99 -12.90
C SER B 188 -5.95 -22.28 -13.44
N VAL B 189 -6.71 -23.01 -14.24
CA VAL B 189 -6.22 -24.26 -14.83
C VAL B 189 -6.14 -24.21 -16.36
N VAL B 190 -5.45 -25.18 -16.93
CA VAL B 190 -5.29 -25.31 -18.38
C VAL B 190 -5.05 -26.78 -18.72
N THR B 191 -5.70 -27.26 -19.78
CA THR B 191 -5.49 -28.65 -20.21
C THR B 191 -4.55 -28.65 -21.41
N VAL B 192 -3.58 -29.55 -21.39
CA VAL B 192 -2.59 -29.69 -22.44
C VAL B 192 -2.32 -31.18 -22.68
N PRO B 193 -1.73 -31.53 -23.84
CA PRO B 193 -1.46 -32.95 -24.10
C PRO B 193 -0.33 -33.47 -23.20
N SER B 194 -0.48 -34.71 -22.72
CA SER B 194 0.53 -35.33 -21.85
C SER B 194 1.90 -35.43 -22.53
N SER B 195 1.89 -35.48 -23.86
CA SER B 195 3.11 -35.56 -24.64
C SER B 195 3.96 -34.29 -24.53
N SER B 196 3.44 -33.29 -23.82
CA SER B 196 4.14 -32.02 -23.64
C SER B 196 4.80 -31.86 -22.28
N LEU B 197 4.29 -32.59 -21.28
CA LEU B 197 4.83 -32.53 -19.93
C LEU B 197 6.27 -33.04 -19.90
N GLY B 198 7.20 -32.13 -19.62
CA GLY B 198 8.60 -32.47 -19.60
C GLY B 198 9.31 -31.99 -20.85
N THR B 199 8.56 -31.44 -21.79
CA THR B 199 9.11 -30.93 -23.04
C THR B 199 9.09 -29.41 -23.07
N LYS B 200 7.90 -28.82 -23.03
CA LYS B 200 7.77 -27.36 -23.03
C LYS B 200 7.44 -26.83 -21.63
N THR B 201 7.70 -25.55 -21.43
CA THR B 201 7.46 -24.90 -20.14
C THR B 201 6.07 -24.27 -20.01
N TYR B 202 5.55 -24.29 -18.79
CA TYR B 202 4.25 -23.72 -18.49
C TYR B 202 4.35 -22.79 -17.29
N THR B 203 4.11 -21.50 -17.53
CA THR B 203 4.18 -20.49 -16.48
C THR B 203 2.88 -19.69 -16.40
N CYS B 204 2.40 -19.42 -15.19
CA CYS B 204 1.19 -18.62 -14.98
C CYS B 204 1.55 -17.23 -14.48
N ASN B 205 1.07 -16.22 -15.20
CA ASN B 205 1.33 -14.83 -14.89
C ASN B 205 0.21 -14.24 -14.07
N VAL B 206 0.47 -14.10 -12.77
CA VAL B 206 -0.51 -13.59 -11.82
C VAL B 206 -0.22 -12.14 -11.42
N ASP B 207 -1.23 -11.29 -11.57
CA ASP B 207 -1.09 -9.88 -11.22
C ASP B 207 -2.19 -9.45 -10.26
N HIS B 208 -1.78 -8.87 -9.14
CA HIS B 208 -2.71 -8.35 -8.14
C HIS B 208 -2.27 -6.93 -7.89
N LYS B 209 -2.73 -6.04 -8.78
CA LYS B 209 -2.40 -4.62 -8.73
C LYS B 209 -2.66 -3.94 -7.39
N PRO B 210 -3.78 -4.28 -6.69
CA PRO B 210 -4.07 -3.65 -5.39
C PRO B 210 -2.91 -3.70 -4.39
N SER B 211 -2.12 -4.78 -4.44
CA SER B 211 -0.96 -4.94 -3.55
C SER B 211 0.37 -4.85 -4.29
N ASN B 212 0.32 -4.50 -5.58
CA ASN B 212 1.53 -4.38 -6.40
C ASN B 212 2.29 -5.73 -6.41
N THR B 213 1.53 -6.81 -6.55
CA THR B 213 2.09 -8.16 -6.57
C THR B 213 1.95 -8.82 -7.94
N LYS B 214 3.07 -8.95 -8.65
CA LYS B 214 3.10 -9.59 -9.95
C LYS B 214 3.98 -10.82 -9.78
N VAL B 215 3.43 -11.99 -10.06
CA VAL B 215 4.17 -13.24 -9.91
C VAL B 215 4.09 -14.16 -11.12
N ASP B 216 5.24 -14.62 -11.58
CA ASP B 216 5.31 -15.56 -12.70
C ASP B 216 5.81 -16.90 -12.12
N LYS B 217 4.89 -17.82 -11.88
CA LYS B 217 5.22 -19.12 -11.30
C LYS B 217 5.22 -20.24 -12.34
N ARG B 218 6.24 -21.09 -12.25
CA ARG B 218 6.42 -22.21 -13.16
C ARG B 218 5.73 -23.45 -12.61
N VAL B 219 4.96 -24.12 -13.47
CA VAL B 219 4.27 -25.32 -13.04
C VAL B 219 5.05 -26.56 -13.47
N GLU B 220 5.54 -26.57 -14.71
CA GLU B 220 6.32 -27.68 -15.24
C GLU B 220 7.20 -27.30 -16.42
N GLN C 1 35.56 -11.24 9.43
CA GLN C 1 34.69 -10.27 10.15
C GLN C 1 33.55 -11.04 10.79
N THR C 2 33.48 -10.99 12.12
CA THR C 2 32.42 -11.67 12.84
C THR C 2 31.17 -10.81 12.70
N VAL C 3 30.13 -11.40 12.12
CA VAL C 3 28.86 -10.74 11.89
C VAL C 3 27.90 -11.01 13.04
N LEU C 4 27.34 -9.94 13.60
CA LEU C 4 26.38 -10.05 14.70
C LEU C 4 25.00 -9.86 14.08
N THR C 5 24.05 -10.73 14.43
CA THR C 5 22.70 -10.62 13.90
C THR C 5 21.68 -10.47 15.01
N GLN C 6 21.00 -9.32 15.03
CA GLN C 6 19.99 -9.07 16.05
C GLN C 6 18.60 -9.53 15.66
N SER C 7 17.82 -9.89 16.67
CA SER C 7 16.45 -10.34 16.48
C SER C 7 15.62 -10.05 17.76
N PRO C 8 14.43 -9.47 17.58
CA PRO C 8 13.88 -9.11 16.27
C PRO C 8 14.48 -7.77 15.85
N SER C 9 14.10 -7.29 14.67
CA SER C 9 14.60 -6.00 14.18
C SER C 9 13.67 -4.84 14.57
N SER C 10 12.48 -5.16 15.08
CA SER C 10 11.48 -4.18 15.52
C SER C 10 10.60 -4.73 16.63
N LEU C 11 10.18 -3.86 17.54
CA LEU C 11 9.31 -4.24 18.65
C LEU C 11 8.39 -3.11 19.07
N SER C 12 7.15 -3.48 19.39
CA SER C 12 6.15 -2.54 19.87
C SER C 12 5.57 -3.26 21.09
N VAL C 13 5.95 -2.78 22.27
CA VAL C 13 5.52 -3.40 23.51
C VAL C 13 4.88 -2.39 24.48
N SER C 14 3.85 -2.81 25.22
CA SER C 14 3.18 -1.93 26.19
C SER C 14 4.12 -1.57 27.33
N VAL C 15 3.86 -0.44 27.96
CA VAL C 15 4.66 0.04 29.09
C VAL C 15 4.59 -0.99 30.21
N GLY C 16 5.75 -1.26 30.82
CA GLY C 16 5.81 -2.22 31.91
C GLY C 16 6.01 -3.67 31.48
N ASP C 17 5.94 -3.94 30.18
CA ASP C 17 6.13 -5.30 29.69
C ASP C 17 7.59 -5.56 29.37
N ARG C 18 7.90 -6.82 29.11
CA ARG C 18 9.27 -7.23 28.84
C ARG C 18 9.67 -7.22 27.37
N VAL C 19 10.85 -6.67 27.12
CA VAL C 19 11.46 -6.63 25.81
C VAL C 19 12.75 -7.47 25.88
N THR C 20 12.85 -8.46 24.99
CA THR C 20 14.03 -9.32 24.93
C THR C 20 14.61 -9.28 23.52
N ILE C 21 15.83 -8.76 23.40
CA ILE C 21 16.54 -8.66 22.13
C ILE C 21 17.70 -9.64 22.13
N THR C 22 17.87 -10.33 21.01
CA THR C 22 18.91 -11.34 20.83
C THR C 22 20.03 -10.87 19.89
N CYS C 23 21.24 -11.31 20.19
CA CYS C 23 22.39 -10.97 19.37
C CYS C 23 23.21 -12.24 19.14
N ARG C 24 23.23 -12.72 17.90
CA ARG C 24 23.98 -13.92 17.54
C ARG C 24 25.20 -13.62 16.69
N ALA C 25 26.36 -14.05 17.18
CA ALA C 25 27.64 -13.88 16.48
C ALA C 25 27.88 -15.07 15.57
N SER C 26 28.43 -14.81 14.39
CA SER C 26 28.72 -15.89 13.43
C SER C 26 29.80 -16.83 13.97
N SER C 27 30.58 -16.30 14.91
CA SER C 27 31.67 -17.00 15.58
C SER C 27 31.74 -16.52 17.03
N SER C 28 31.98 -17.46 17.95
CA SER C 28 32.08 -17.18 19.37
C SER C 28 32.90 -15.93 19.73
N VAL C 29 32.35 -15.13 20.64
CA VAL C 29 33.00 -13.92 21.10
C VAL C 29 33.09 -13.91 22.63
N THR C 30 34.07 -13.21 23.16
CA THR C 30 34.26 -13.13 24.60
C THR C 30 33.15 -12.34 25.30
N TYR C 31 32.93 -11.11 24.84
CA TYR C 31 31.90 -10.24 25.42
C TYR C 31 31.04 -9.57 24.36
N ILE C 32 29.88 -9.10 24.79
CA ILE C 32 28.98 -8.33 23.92
C ILE C 32 28.61 -7.04 24.65
N HIS C 33 28.69 -5.94 23.92
CA HIS C 33 28.36 -4.63 24.46
C HIS C 33 27.10 -4.06 23.81
N TRP C 34 26.25 -3.43 24.61
CA TRP C 34 25.01 -2.85 24.10
C TRP C 34 24.94 -1.33 24.23
N TYR C 35 24.52 -0.68 23.14
CA TYR C 35 24.38 0.76 23.09
C TYR C 35 22.93 1.11 22.76
N GLN C 36 22.48 2.22 23.30
CA GLN C 36 21.12 2.70 23.09
C GLN C 36 21.17 3.99 22.28
N GLN C 37 20.40 4.06 21.19
CA GLN C 37 20.34 5.28 20.38
C GLN C 37 18.94 5.90 20.35
N LYS C 38 18.77 6.91 21.20
CA LYS C 38 17.50 7.65 21.27
C LYS C 38 17.42 8.57 20.05
N PRO C 39 16.20 8.87 19.57
CA PRO C 39 16.00 9.75 18.39
C PRO C 39 16.76 11.09 18.41
N GLY C 40 17.51 11.33 17.35
CA GLY C 40 18.27 12.57 17.24
C GLY C 40 19.58 12.61 18.01
N LEU C 41 19.78 11.62 18.88
CA LEU C 41 21.00 11.54 19.69
C LEU C 41 21.97 10.45 19.23
N ALA C 42 23.23 10.59 19.65
CA ALA C 42 24.28 9.63 19.33
C ALA C 42 24.07 8.40 20.20
N PRO C 43 24.72 7.28 19.84
CA PRO C 43 24.53 6.08 20.66
C PRO C 43 25.20 6.27 22.03
N LYS C 44 24.65 5.63 23.06
CA LYS C 44 25.25 5.72 24.38
C LYS C 44 25.39 4.34 25.00
N SER C 45 26.49 4.13 25.73
CA SER C 45 26.79 2.86 26.39
C SER C 45 25.71 2.48 27.39
N LEU C 46 25.11 1.32 27.18
CA LEU C 46 24.06 0.84 28.06
C LEU C 46 24.58 -0.32 28.93
N ILE C 47 25.12 -1.35 28.29
CA ILE C 47 25.64 -2.53 28.97
C ILE C 47 26.99 -2.92 28.37
N TYR C 48 27.97 -3.17 29.23
CA TYR C 48 29.30 -3.57 28.75
C TYR C 48 29.71 -4.89 29.35
N ALA C 49 30.65 -5.56 28.68
CA ALA C 49 31.16 -6.85 29.13
C ALA C 49 30.02 -7.82 29.40
N THR C 50 29.09 -7.86 28.46
CA THR C 50 27.91 -8.72 28.51
C THR C 50 26.80 -8.47 29.54
N SER C 51 27.18 -8.19 30.79
CA SER C 51 26.17 -8.00 31.84
C SER C 51 26.34 -6.82 32.79
N ASN C 52 27.33 -5.97 32.55
CA ASN C 52 27.55 -4.83 33.42
C ASN C 52 26.84 -3.60 32.89
N LEU C 53 26.00 -3.01 33.75
CA LEU C 53 25.25 -1.80 33.41
C LEU C 53 26.13 -0.58 33.58
N ALA C 54 26.14 0.31 32.57
CA ALA C 54 26.93 1.53 32.65
C ALA C 54 26.39 2.37 33.81
N SER C 55 27.14 3.37 34.23
CA SER C 55 26.71 4.22 35.34
C SER C 55 25.39 4.95 35.05
N GLY C 56 24.50 4.95 36.05
CA GLY C 56 23.23 5.62 35.89
C GLY C 56 22.12 4.88 35.17
N VAL C 57 22.45 3.76 34.53
CA VAL C 57 21.44 2.97 33.83
C VAL C 57 20.52 2.29 34.85
N PRO C 58 19.19 2.49 34.71
CA PRO C 58 18.19 1.90 35.62
C PRO C 58 18.14 0.36 35.67
N SER C 59 17.57 -0.16 36.76
CA SER C 59 17.48 -1.59 37.00
C SER C 59 16.63 -2.42 36.04
N ARG C 60 15.89 -1.78 35.15
CA ARG C 60 15.07 -2.55 34.21
C ARG C 60 15.89 -3.16 33.06
N PHE C 61 17.13 -2.72 32.91
CA PHE C 61 18.02 -3.24 31.87
C PHE C 61 18.96 -4.30 32.45
N SER C 62 19.21 -5.34 31.65
CA SER C 62 20.14 -6.42 32.03
C SER C 62 20.69 -7.11 30.78
N GLY C 63 21.78 -7.85 30.96
CA GLY C 63 22.39 -8.55 29.84
C GLY C 63 22.91 -9.92 30.26
N SER C 64 22.93 -10.85 29.32
CA SER C 64 23.41 -12.19 29.58
C SER C 64 23.85 -12.83 28.26
N GLY C 65 24.20 -14.11 28.31
CA GLY C 65 24.63 -14.84 27.13
C GLY C 65 26.11 -15.17 27.15
N SER C 66 26.50 -16.09 26.29
CA SER C 66 27.90 -16.53 26.19
C SER C 66 28.20 -17.12 24.82
N GLY C 67 29.49 -17.06 24.46
CA GLY C 67 29.94 -17.60 23.19
C GLY C 67 29.36 -16.96 21.94
N THR C 68 28.36 -17.64 21.37
CA THR C 68 27.68 -17.23 20.15
C THR C 68 26.31 -16.54 20.35
N ASP C 69 25.61 -16.82 21.45
CA ASP C 69 24.29 -16.24 21.73
C ASP C 69 24.26 -15.27 22.90
N TYR C 70 23.66 -14.11 22.67
CA TYR C 70 23.57 -13.08 23.69
C TYR C 70 22.16 -12.53 23.86
N THR C 71 21.89 -11.90 24.99
CA THR C 71 20.58 -11.39 25.30
C THR C 71 20.58 -10.09 26.09
N PHE C 72 19.76 -9.15 25.64
CA PHE C 72 19.57 -7.83 26.25
C PHE C 72 18.11 -7.81 26.69
N THR C 73 17.85 -7.36 27.92
CA THR C 73 16.48 -7.35 28.41
C THR C 73 16.05 -6.07 29.14
N ILE C 74 14.80 -5.67 28.92
CA ILE C 74 14.17 -4.53 29.57
C ILE C 74 12.96 -5.21 30.17
N SER C 75 12.99 -5.40 31.48
CA SER C 75 11.93 -6.09 32.21
C SER C 75 10.63 -5.33 32.37
N SER C 76 10.73 -4.01 32.43
CA SER C 76 9.56 -3.15 32.60
C SER C 76 9.77 -1.94 31.67
N LEU C 77 9.45 -2.14 30.40
CA LEU C 77 9.60 -1.10 29.36
C LEU C 77 8.94 0.24 29.69
N GLN C 78 9.68 1.33 29.45
CA GLN C 78 9.20 2.70 29.69
C GLN C 78 9.33 3.53 28.42
N PRO C 79 8.51 4.60 28.28
CA PRO C 79 8.57 5.46 27.11
C PRO C 79 9.95 6.08 26.88
N GLU C 80 10.70 6.29 27.95
CA GLU C 80 12.03 6.85 27.85
C GLU C 80 12.99 5.89 27.15
N ASP C 81 12.58 4.63 27.02
CA ASP C 81 13.40 3.61 26.38
C ASP C 81 13.20 3.49 24.86
N ILE C 82 12.36 4.35 24.29
CA ILE C 82 12.09 4.37 22.85
C ILE C 82 13.42 4.66 22.19
N ALA C 83 13.89 3.74 21.35
CA ALA C 83 15.19 3.92 20.69
C ALA C 83 15.57 2.68 19.90
N THR C 84 16.75 2.74 19.30
CA THR C 84 17.29 1.61 18.55
C THR C 84 18.49 1.13 19.36
N TYR C 85 18.54 -0.18 19.61
CA TYR C 85 19.62 -0.77 20.42
C TYR C 85 20.59 -1.58 19.56
N TYR C 86 21.88 -1.49 19.86
CA TYR C 86 22.88 -2.22 19.10
C TYR C 86 23.79 -3.03 19.99
N CYS C 87 24.15 -4.22 19.51
CA CYS C 87 25.08 -5.10 20.21
C CYS C 87 26.41 -4.96 19.48
N GLN C 88 27.51 -5.04 20.21
CA GLN C 88 28.84 -4.92 19.62
C GLN C 88 29.88 -5.86 20.23
N HIS C 89 30.81 -6.33 19.39
CA HIS C 89 31.89 -7.21 19.82
C HIS C 89 33.23 -6.58 19.38
N TRP C 90 34.32 -6.90 20.08
CA TRP C 90 35.66 -6.38 19.76
C TRP C 90 36.62 -7.57 19.96
N SER C 91 36.10 -8.76 19.68
CA SER C 91 36.84 -10.01 19.83
C SER C 91 37.48 -10.46 18.51
N SER C 92 37.27 -9.66 17.46
CA SER C 92 37.80 -9.95 16.14
C SER C 92 38.00 -8.63 15.40
N LYS C 93 38.85 -8.62 14.38
CA LYS C 93 39.05 -7.40 13.61
C LYS C 93 38.24 -7.47 12.32
N PRO C 94 37.41 -6.44 12.08
CA PRO C 94 37.24 -5.28 12.95
C PRO C 94 36.07 -5.48 13.90
N PRO C 95 35.91 -4.59 14.89
CA PRO C 95 34.78 -4.75 15.80
C PRO C 95 33.54 -4.34 15.01
N THR C 96 32.53 -5.20 15.01
CA THR C 96 31.31 -4.90 14.28
C THR C 96 30.12 -4.69 15.23
N PHE C 97 29.00 -4.28 14.66
CA PHE C 97 27.79 -4.04 15.43
C PHE C 97 26.68 -4.85 14.77
N GLY C 98 25.58 -5.07 15.49
CA GLY C 98 24.44 -5.76 14.89
C GLY C 98 23.70 -4.71 14.05
N GLN C 99 22.67 -5.13 13.32
CA GLN C 99 21.94 -4.18 12.47
C GLN C 99 21.03 -3.20 13.24
N GLY C 100 20.81 -3.48 14.53
CA GLY C 100 19.96 -2.62 15.34
C GLY C 100 18.53 -3.16 15.51
N THR C 101 17.91 -2.83 16.63
CA THR C 101 16.53 -3.24 16.90
C THR C 101 15.75 -2.02 17.38
N LYS C 102 14.71 -1.69 16.63
CA LYS C 102 13.86 -0.54 16.91
C LYS C 102 12.83 -0.88 17.96
N VAL C 103 12.83 -0.11 19.04
CA VAL C 103 11.89 -0.31 20.14
C VAL C 103 10.95 0.88 20.31
N GLU C 104 9.66 0.60 20.23
CA GLU C 104 8.62 1.61 20.39
C GLU C 104 7.59 1.09 21.38
N VAL C 105 6.96 2.00 22.11
CA VAL C 105 5.94 1.59 23.06
C VAL C 105 4.54 1.65 22.48
N LYS C 106 3.64 0.95 23.14
CA LYS C 106 2.26 0.88 22.75
C LYS C 106 1.47 1.63 23.82
N ARG C 107 0.50 2.44 23.39
CA ARG C 107 -0.33 3.17 24.33
C ARG C 107 -1.78 3.15 23.84
N THR C 108 -2.65 3.82 24.57
CA THR C 108 -4.05 3.89 24.18
C THR C 108 -4.18 4.78 22.92
N VAL C 109 -5.18 4.47 22.09
CA VAL C 109 -5.45 5.24 20.88
C VAL C 109 -5.68 6.72 21.22
N ALA C 110 -4.96 7.59 20.54
CA ALA C 110 -5.07 9.01 20.73
C ALA C 110 -5.32 9.66 19.37
N ALA C 111 -6.50 10.26 19.20
CA ALA C 111 -6.87 10.93 17.95
C ALA C 111 -5.98 12.15 17.74
N PRO C 112 -5.64 12.42 16.46
CA PRO C 112 -4.79 13.57 16.13
C PRO C 112 -5.54 14.89 16.13
N SER C 113 -4.80 15.96 16.38
CA SER C 113 -5.35 17.30 16.35
C SER C 113 -4.93 17.86 15.01
N VAL C 114 -5.91 18.04 14.13
CA VAL C 114 -5.64 18.54 12.79
C VAL C 114 -5.70 20.05 12.65
N PHE C 115 -4.71 20.58 11.93
CA PHE C 115 -4.58 22.00 11.65
C PHE C 115 -4.16 22.14 10.19
N ILE C 116 -4.60 23.21 9.54
CA ILE C 116 -4.22 23.45 8.15
C ILE C 116 -3.65 24.84 8.10
N PHE C 117 -2.64 25.04 7.26
CA PHE C 117 -1.98 26.34 7.13
C PHE C 117 -1.92 26.74 5.66
N PRO C 118 -2.39 27.94 5.34
CA PRO C 118 -2.37 28.43 3.96
C PRO C 118 -0.95 28.92 3.64
N PRO C 119 -0.62 29.09 2.35
CA PRO C 119 0.71 29.57 2.03
C PRO C 119 0.83 31.05 2.44
N SER C 120 2.05 31.49 2.77
CA SER C 120 2.27 32.87 3.19
C SER C 120 2.32 33.84 2.01
N ASP C 121 2.16 35.12 2.29
CA ASP C 121 2.21 36.13 1.24
C ASP C 121 3.62 36.21 0.68
N GLU C 122 4.61 36.16 1.57
CA GLU C 122 6.01 36.25 1.19
C GLU C 122 6.43 35.17 0.19
N GLN C 123 5.84 33.98 0.34
CA GLN C 123 6.15 32.86 -0.54
C GLN C 123 5.41 33.01 -1.85
N LEU C 124 4.13 33.37 -1.74
CA LEU C 124 3.28 33.55 -2.91
C LEU C 124 3.88 34.54 -3.91
N LYS C 125 4.52 35.58 -3.42
CA LYS C 125 5.14 36.56 -4.31
C LYS C 125 6.33 35.95 -5.05
N SER C 126 6.90 34.87 -4.52
CA SER C 126 8.04 34.22 -5.16
C SER C 126 7.63 33.31 -6.33
N GLY C 127 6.34 32.97 -6.41
CA GLY C 127 5.85 32.12 -7.48
C GLY C 127 5.33 30.74 -7.10
N THR C 128 5.60 30.30 -5.86
CA THR C 128 5.15 29.00 -5.36
C THR C 128 4.21 29.11 -4.17
N ALA C 129 3.50 28.02 -3.88
CA ALA C 129 2.55 27.97 -2.78
C ALA C 129 2.57 26.62 -2.08
N SER C 130 3.00 26.62 -0.81
CA SER C 130 3.04 25.41 0.00
C SER C 130 1.89 25.43 1.01
N VAL C 131 1.10 24.36 1.01
CA VAL C 131 -0.04 24.25 1.93
C VAL C 131 0.30 23.09 2.87
N VAL C 132 0.40 23.40 4.17
CA VAL C 132 0.74 22.42 5.18
C VAL C 132 -0.44 21.96 6.02
N CYS C 133 -0.51 20.65 6.27
CA CYS C 133 -1.54 20.06 7.09
C CYS C 133 -0.82 19.39 8.27
N LEU C 134 -1.28 19.66 9.49
CA LEU C 134 -0.66 19.10 10.68
C LEU C 134 -1.55 18.19 11.50
N LEU C 135 -1.00 17.01 11.84
CA LEU C 135 -1.65 16.02 12.70
C LEU C 135 -0.75 15.90 13.92
N ASN C 136 -1.20 16.47 15.03
CA ASN C 136 -0.41 16.49 16.24
C ASN C 136 -0.83 15.50 17.33
N ASN C 137 0.18 14.87 17.93
CA ASN C 137 0.02 13.93 19.04
C ASN C 137 -1.01 12.80 18.94
N PHE C 138 -0.80 11.88 18.00
CA PHE C 138 -1.70 10.77 17.82
C PHE C 138 -1.00 9.41 17.97
N TYR C 139 -1.80 8.36 18.10
CA TYR C 139 -1.33 7.00 18.23
C TYR C 139 -2.49 6.09 17.88
N PRO C 140 -2.25 5.04 17.06
CA PRO C 140 -0.99 4.61 16.43
C PRO C 140 -0.51 5.57 15.32
N ARG C 141 0.63 5.28 14.71
CA ARG C 141 1.15 6.15 13.64
C ARG C 141 0.45 5.98 12.28
N GLU C 142 -0.34 4.93 12.14
CA GLU C 142 -1.08 4.69 10.89
C GLU C 142 -2.13 5.79 10.74
N ALA C 143 -1.90 6.67 9.77
CA ALA C 143 -2.81 7.78 9.51
C ALA C 143 -2.89 8.02 8.01
N LYS C 144 -4.09 8.38 7.54
CA LYS C 144 -4.28 8.68 6.12
C LYS C 144 -4.62 10.15 5.94
N VAL C 145 -3.83 10.85 5.13
CA VAL C 145 -4.07 12.26 4.84
C VAL C 145 -4.32 12.48 3.35
N GLN C 146 -5.50 12.97 3.03
CA GLN C 146 -5.88 13.23 1.65
C GLN C 146 -6.13 14.72 1.41
N TRP C 147 -5.51 15.26 0.36
CA TRP C 147 -5.69 16.65 -0.01
C TRP C 147 -6.80 16.78 -1.05
N LYS C 148 -7.64 17.79 -0.87
CA LYS C 148 -8.73 18.07 -1.79
C LYS C 148 -8.67 19.54 -2.17
N VAL C 149 -8.81 19.81 -3.45
CA VAL C 149 -8.80 21.18 -3.97
C VAL C 149 -10.14 21.32 -4.71
N ASP C 150 -11.02 22.13 -4.15
CA ASP C 150 -12.37 22.34 -4.68
C ASP C 150 -13.07 20.98 -4.73
N ASN C 151 -12.80 20.18 -3.69
CA ASN C 151 -13.34 18.83 -3.53
C ASN C 151 -12.70 17.75 -4.43
N ALA C 152 -11.79 18.17 -5.31
CA ALA C 152 -11.11 17.24 -6.20
C ALA C 152 -9.95 16.61 -5.46
N LEU C 153 -9.99 15.29 -5.33
CA LEU C 153 -8.96 14.52 -4.65
C LEU C 153 -7.61 14.60 -5.35
N GLN C 154 -6.58 15.00 -4.61
CA GLN C 154 -5.22 15.14 -5.14
C GLN C 154 -4.41 13.87 -4.89
N SER C 155 -3.31 13.72 -5.63
CA SER C 155 -2.41 12.58 -5.48
C SER C 155 -1.08 12.84 -6.18
N GLY C 156 0.03 12.53 -5.49
CA GLY C 156 1.36 12.70 -6.04
C GLY C 156 1.96 14.10 -6.00
N ASN C 157 1.21 15.06 -5.47
CA ASN C 157 1.72 16.42 -5.40
C ASN C 157 1.96 16.89 -3.97
N SER C 158 2.13 15.93 -3.06
CA SER C 158 2.37 16.22 -1.65
C SER C 158 3.43 15.30 -1.05
N GLN C 159 4.00 15.70 0.08
CA GLN C 159 5.02 14.91 0.78
C GLN C 159 4.82 14.92 2.28
N GLU C 160 4.80 13.72 2.87
CA GLU C 160 4.64 13.58 4.32
C GLU C 160 5.97 13.40 5.07
N SER C 161 5.92 13.68 6.37
CA SER C 161 7.07 13.54 7.25
C SER C 161 6.52 13.33 8.65
N VAL C 162 6.87 12.20 9.24
CA VAL C 162 6.40 11.83 10.57
C VAL C 162 7.58 11.76 11.55
N THR C 163 7.33 12.21 12.78
CA THR C 163 8.34 12.25 13.83
C THR C 163 8.48 10.93 14.55
N GLU C 164 9.58 10.79 15.28
CA GLU C 164 9.83 9.60 16.09
C GLU C 164 8.93 9.71 17.32
N GLN C 165 8.53 8.57 17.88
CA GLN C 165 7.64 8.55 19.04
C GLN C 165 8.23 9.37 20.19
N ASP C 166 7.39 10.20 20.79
CA ASP C 166 7.77 11.07 21.90
C ASP C 166 7.67 10.30 23.22
N SER C 167 8.69 10.44 24.07
CA SER C 167 8.69 9.76 25.37
C SER C 167 7.78 10.41 26.39
N LYS C 168 7.45 11.68 26.17
CA LYS C 168 6.58 12.40 27.09
C LYS C 168 5.13 11.95 27.08
N ASP C 169 4.63 11.54 25.91
CA ASP C 169 3.24 11.10 25.75
C ASP C 169 3.06 9.86 24.89
N SER C 170 4.16 9.39 24.29
CA SER C 170 4.17 8.19 23.45
C SER C 170 3.37 8.32 22.15
N THR C 171 3.34 9.52 21.58
CA THR C 171 2.58 9.78 20.35
C THR C 171 3.47 10.16 19.19
N TYR C 172 2.84 10.32 18.03
CA TYR C 172 3.52 10.72 16.81
C TYR C 172 2.90 12.00 16.30
N SER C 173 3.58 12.66 15.37
CA SER C 173 3.10 13.89 14.74
C SER C 173 3.40 13.79 13.26
N LEU C 174 2.50 14.27 12.43
CA LEU C 174 2.70 14.19 10.99
C LEU C 174 2.53 15.53 10.26
N SER C 175 3.41 15.75 9.29
CA SER C 175 3.40 16.95 8.49
C SER C 175 3.17 16.58 7.02
N SER C 176 2.13 17.15 6.42
CA SER C 176 1.86 16.91 5.01
C SER C 176 1.94 18.23 4.26
N THR C 177 2.67 18.26 3.17
CA THR C 177 2.82 19.49 2.43
C THR C 177 2.43 19.34 0.97
N LEU C 178 1.54 20.22 0.54
CA LEU C 178 1.04 20.27 -0.85
C LEU C 178 1.69 21.46 -1.56
N THR C 179 2.42 21.19 -2.63
CA THR C 179 3.08 22.26 -3.37
C THR C 179 2.49 22.45 -4.76
N LEU C 180 2.09 23.70 -5.02
CA LEU C 180 1.48 24.09 -6.30
C LEU C 180 2.14 25.40 -6.69
N SER C 181 2.03 25.77 -7.96
CA SER C 181 2.57 27.06 -8.39
C SER C 181 1.53 28.11 -8.00
N LYS C 182 1.94 29.37 -7.93
CA LYS C 182 1.03 30.47 -7.59
C LYS C 182 -0.16 30.50 -8.54
N ALA C 183 0.11 30.37 -9.85
CA ALA C 183 -0.93 30.38 -10.87
C ALA C 183 -1.94 29.25 -10.72
N ASP C 184 -1.42 28.05 -10.43
CA ASP C 184 -2.26 26.87 -10.25
C ASP C 184 -3.04 27.04 -8.96
N TYR C 185 -2.37 27.61 -7.95
CA TYR C 185 -2.97 27.85 -6.64
C TYR C 185 -4.12 28.84 -6.72
N GLU C 186 -3.96 29.86 -7.54
CA GLU C 186 -4.98 30.90 -7.70
C GLU C 186 -6.18 30.58 -8.57
N LYS C 187 -6.20 29.38 -9.16
CA LYS C 187 -7.32 29.01 -9.99
C LYS C 187 -8.24 28.03 -9.28
N HIS C 188 -8.17 28.03 -7.94
CA HIS C 188 -8.99 27.16 -7.10
C HIS C 188 -9.28 27.86 -5.78
N LYS C 189 -10.36 27.48 -5.09
CA LYS C 189 -10.70 28.15 -3.85
C LYS C 189 -10.57 27.36 -2.54
N VAL C 190 -11.32 26.26 -2.44
CA VAL C 190 -11.32 25.42 -1.24
C VAL C 190 -10.15 24.43 -1.13
N TYR C 191 -9.28 24.68 -0.16
CA TYR C 191 -8.14 23.81 0.10
C TYR C 191 -8.43 23.05 1.38
N ALA C 192 -8.63 21.74 1.23
CA ALA C 192 -8.95 20.91 2.37
C ALA C 192 -7.99 19.75 2.64
N CYS C 193 -7.91 19.39 3.91
CA CYS C 193 -7.06 18.29 4.39
C CYS C 193 -7.94 17.29 5.16
N GLU C 194 -8.18 16.12 4.56
CA GLU C 194 -9.01 15.09 5.17
C GLU C 194 -8.17 14.01 5.88
N VAL C 195 -8.41 13.83 7.17
CA VAL C 195 -7.66 12.89 7.99
C VAL C 195 -8.41 11.66 8.50
N THR C 196 -7.87 10.48 8.19
CA THR C 196 -8.44 9.22 8.63
C THR C 196 -7.50 8.63 9.67
N HIS C 197 -8.06 8.23 10.83
CA HIS C 197 -7.26 7.65 11.90
C HIS C 197 -8.16 6.85 12.83
N GLN C 198 -7.58 5.81 13.43
CA GLN C 198 -8.33 4.94 14.33
C GLN C 198 -9.03 5.66 15.48
N GLY C 199 -8.47 6.77 15.93
CA GLY C 199 -9.09 7.53 17.01
C GLY C 199 -10.20 8.48 16.58
N LEU C 200 -10.57 8.44 15.29
CA LEU C 200 -11.61 9.30 14.77
C LEU C 200 -12.79 8.48 14.25
N SER C 201 -14.00 8.75 14.77
CA SER C 201 -15.22 8.04 14.36
C SER C 201 -15.39 8.18 12.85
N SER C 202 -15.21 9.41 12.39
CA SER C 202 -15.33 9.76 10.98
C SER C 202 -14.12 10.62 10.62
N PRO C 203 -13.71 10.60 9.34
CA PRO C 203 -12.56 11.39 8.91
C PRO C 203 -12.76 12.87 9.24
N VAL C 204 -11.72 13.52 9.73
CA VAL C 204 -11.76 14.92 10.07
C VAL C 204 -11.20 15.77 8.93
N THR C 205 -11.95 16.81 8.55
CA THR C 205 -11.53 17.71 7.49
C THR C 205 -11.30 19.14 7.99
N LYS C 206 -10.14 19.69 7.65
CA LYS C 206 -9.77 21.04 8.01
C LYS C 206 -9.51 21.75 6.70
N SER C 207 -10.14 22.92 6.51
CA SER C 207 -9.97 23.67 5.28
C SER C 207 -10.02 25.19 5.38
N PHE C 208 -9.79 25.82 4.24
CA PHE C 208 -9.82 27.27 4.15
C PHE C 208 -10.10 27.66 2.71
N ASN C 209 -10.58 28.88 2.52
CA ASN C 209 -10.87 29.40 1.21
C ASN C 209 -9.79 30.39 0.83
N ARG C 210 -9.17 30.19 -0.33
CA ARG C 210 -8.14 31.10 -0.80
C ARG C 210 -8.75 32.50 -0.98
N GLY C 211 -7.96 33.52 -0.65
CA GLY C 211 -8.43 34.88 -0.75
C GLY C 211 -9.11 35.31 0.54
N GLU C 212 -9.52 34.34 1.36
CA GLU C 212 -10.20 34.60 2.62
C GLU C 212 -9.38 34.39 3.91
N CYS C 213 -8.08 34.66 3.88
CA CYS C 213 -7.28 34.44 5.09
C CYS C 213 -6.50 35.65 5.61
N GLU D 1 33.62 15.08 34.13
CA GLU D 1 32.65 14.67 33.07
C GLU D 1 33.35 14.60 31.73
N VAL D 2 33.31 13.41 31.12
CA VAL D 2 33.95 13.18 29.83
C VAL D 2 33.15 13.86 28.70
N GLN D 3 33.84 14.63 27.86
CA GLN D 3 33.20 15.32 26.74
C GLN D 3 33.94 15.21 25.40
N LEU D 4 33.21 14.74 24.38
CA LEU D 4 33.75 14.58 23.03
C LEU D 4 32.95 15.47 22.08
N LEU D 5 33.63 16.33 21.35
CA LEU D 5 32.96 17.26 20.43
C LEU D 5 33.53 17.26 19.03
N GLU D 6 32.76 16.75 18.06
CA GLU D 6 33.21 16.72 16.68
C GLU D 6 32.91 18.04 15.93
N SER D 7 33.71 18.29 14.91
CA SER D 7 33.58 19.48 14.06
C SER D 7 34.33 19.23 12.76
N GLY D 8 33.96 19.97 11.71
CA GLY D 8 34.64 19.80 10.43
C GLY D 8 33.80 19.17 9.33
N GLY D 9 32.63 18.65 9.68
CA GLY D 9 31.77 18.03 8.69
C GLY D 9 31.03 19.02 7.81
N GLY D 10 30.82 18.65 6.55
CA GLY D 10 30.12 19.50 5.62
C GLY D 10 30.00 18.89 4.24
N LEU D 11 29.65 19.74 3.28
CA LEU D 11 29.51 19.29 1.91
C LEU D 11 30.89 19.13 1.30
N VAL D 12 31.08 18.01 0.62
CA VAL D 12 32.34 17.72 -0.06
C VAL D 12 32.03 17.16 -1.44
N GLN D 13 32.86 17.55 -2.39
CA GLN D 13 32.77 17.11 -3.79
C GLN D 13 33.31 15.68 -3.90
N PRO D 14 32.66 14.81 -4.71
CA PRO D 14 33.12 13.43 -4.89
C PRO D 14 34.58 13.39 -5.29
N GLY D 15 35.36 12.54 -4.62
CA GLY D 15 36.78 12.41 -4.88
C GLY D 15 37.59 13.46 -4.13
N GLY D 16 36.93 14.21 -3.25
CA GLY D 16 37.60 15.25 -2.51
C GLY D 16 38.09 14.87 -1.13
N SER D 17 38.73 15.84 -0.48
CA SER D 17 39.28 15.64 0.86
C SER D 17 38.53 16.45 1.91
N LEU D 18 38.60 15.99 3.15
CA LEU D 18 37.99 16.64 4.28
C LEU D 18 38.72 16.14 5.54
N ARG D 19 38.77 17.00 6.56
CA ARG D 19 39.42 16.66 7.82
C ARG D 19 38.51 17.01 8.98
N LEU D 20 38.15 15.99 9.76
CA LEU D 20 37.28 16.17 10.93
C LEU D 20 38.16 16.29 12.19
N SER D 21 37.63 16.94 13.21
CA SER D 21 38.36 17.07 14.48
C SER D 21 37.47 16.72 15.67
N CYS D 22 38.08 16.20 16.73
CA CYS D 22 37.34 15.82 17.94
C CYS D 22 38.07 16.35 19.16
N ALA D 23 37.53 17.43 19.73
CA ALA D 23 38.09 18.05 20.92
C ALA D 23 37.56 17.36 22.17
N THR D 24 38.47 16.93 23.06
CA THR D 24 38.07 16.26 24.28
C THR D 24 38.28 17.11 25.53
N SER D 25 37.75 16.63 26.66
CA SER D 25 37.88 17.29 27.95
C SER D 25 37.24 16.43 29.03
N GLY D 26 37.63 16.67 30.28
CA GLY D 26 37.09 15.94 31.42
C GLY D 26 37.77 14.62 31.78
N PHE D 27 38.88 14.32 31.09
CA PHE D 27 39.64 13.09 31.32
C PHE D 27 41.04 13.25 30.73
N THR D 28 41.99 12.44 31.21
CA THR D 28 43.37 12.50 30.70
C THR D 28 43.41 11.92 29.30
N PHE D 29 43.51 12.81 28.33
CA PHE D 29 43.52 12.48 26.91
C PHE D 29 44.45 11.38 26.41
N THR D 30 45.73 11.48 26.75
CA THR D 30 46.71 10.50 26.28
C THR D 30 46.65 9.11 26.91
N ASP D 31 45.80 8.97 27.93
CA ASP D 31 45.64 7.69 28.61
C ASP D 31 44.64 6.77 27.92
N TYR D 32 43.87 7.32 26.98
CA TYR D 32 42.86 6.53 26.30
C TYR D 32 42.96 6.38 24.78
N TYR D 33 42.48 5.24 24.29
CA TYR D 33 42.45 4.90 22.88
C TYR D 33 41.26 5.64 22.29
N MET D 34 41.50 6.39 21.22
CA MET D 34 40.43 7.14 20.58
C MET D 34 40.03 6.52 19.25
N ASN D 35 38.72 6.39 19.01
CA ASN D 35 38.20 5.80 17.78
C ASN D 35 37.32 6.71 16.95
N TRP D 36 36.90 6.19 15.80
CA TRP D 36 36.02 6.87 14.86
C TRP D 36 35.05 5.84 14.33
N VAL D 37 33.76 6.14 14.47
CA VAL D 37 32.66 5.29 14.03
C VAL D 37 31.68 6.18 13.22
N ARG D 38 31.16 5.67 12.10
CA ARG D 38 30.24 6.45 11.28
C ARG D 38 28.90 5.75 11.08
N GLN D 39 27.87 6.55 10.84
CA GLN D 39 26.52 6.03 10.65
C GLN D 39 25.83 6.67 9.46
N ALA D 40 25.54 5.84 8.45
CA ALA D 40 24.83 6.29 7.25
C ALA D 40 23.38 6.49 7.67
N PRO D 41 22.78 7.64 7.28
CA PRO D 41 21.42 8.15 7.51
C PRO D 41 20.22 7.22 7.67
N GLY D 42 20.36 6.20 8.51
CA GLY D 42 19.27 5.26 8.72
C GLY D 42 19.76 3.83 8.78
N LYS D 43 21.03 3.65 8.44
CA LYS D 43 21.67 2.36 8.45
C LYS D 43 22.36 2.15 9.80
N GLY D 44 23.30 1.20 9.83
CA GLY D 44 23.99 0.89 11.07
C GLY D 44 25.19 1.75 11.43
N LEU D 45 25.99 1.20 12.34
CA LEU D 45 27.19 1.82 12.86
C LEU D 45 28.41 1.04 12.35
N GLU D 46 29.36 1.72 11.72
CA GLU D 46 30.57 1.09 11.19
C GLU D 46 31.84 1.73 11.76
N TRP D 47 32.68 0.90 12.37
CA TRP D 47 33.94 1.35 12.95
C TRP D 47 34.95 1.67 11.85
N LEU D 48 35.69 2.77 12.02
CA LEU D 48 36.67 3.20 11.02
C LEU D 48 38.12 2.95 11.42
N GLY D 49 38.44 3.15 12.69
CA GLY D 49 39.80 2.92 13.17
C GLY D 49 40.08 3.54 14.52
N PHE D 50 41.35 3.49 14.97
CA PHE D 50 41.74 4.10 16.24
C PHE D 50 43.20 4.49 16.27
N ILE D 51 43.57 5.24 17.29
CA ILE D 51 44.94 5.65 17.50
C ILE D 51 45.18 5.41 18.99
N GLY D 52 46.08 4.45 19.27
CA GLY D 52 46.40 4.07 20.64
C GLY D 52 46.81 5.21 21.53
N ASN D 53 47.10 4.87 22.79
CA ASN D 53 47.52 5.85 23.78
C ASN D 53 49.05 5.88 23.86
N LYS D 54 49.57 6.70 24.79
CA LYS D 54 51.01 6.84 24.98
C LYS D 54 51.68 5.51 25.34
N ALA D 55 51.05 4.80 26.27
CA ALA D 55 51.55 3.50 26.71
C ALA D 55 51.73 2.51 25.57
N ASN D 56 51.07 2.74 24.45
CA ASN D 56 51.18 1.82 23.32
C ASN D 56 51.88 2.45 22.12
N GLY D 57 52.39 3.66 22.28
CA GLY D 57 53.09 4.34 21.20
C GLY D 57 52.22 4.97 20.13
N TYR D 58 50.93 5.12 20.42
CA TYR D 58 49.99 5.74 19.49
C TYR D 58 49.89 4.99 18.16
N THR D 59 49.71 3.67 18.23
CA THR D 59 49.60 2.90 17.00
C THR D 59 48.19 3.06 16.44
N THR D 60 48.08 3.15 15.12
CA THR D 60 46.78 3.26 14.47
C THR D 60 46.31 1.94 13.87
N GLU D 61 44.99 1.82 13.70
CA GLU D 61 44.38 0.64 13.11
C GLU D 61 43.19 1.15 12.29
N TYR D 62 42.92 0.53 11.14
CA TYR D 62 41.82 0.94 10.28
C TYR D 62 41.07 -0.23 9.70
N SER D 63 39.84 0.01 9.29
CA SER D 63 39.02 -1.02 8.66
C SER D 63 39.45 -1.09 7.20
N ALA D 64 39.26 -2.26 6.59
CA ALA D 64 39.64 -2.46 5.20
C ALA D 64 38.91 -1.49 4.28
N SER D 65 37.69 -1.10 4.67
CA SER D 65 36.87 -0.18 3.88
C SER D 65 37.41 1.24 3.75
N VAL D 66 38.29 1.66 4.66
CA VAL D 66 38.85 3.01 4.59
C VAL D 66 40.38 3.08 4.64
N LYS D 67 41.02 1.91 4.75
CA LYS D 67 42.48 1.85 4.80
C LYS D 67 43.09 2.35 3.48
N GLY D 68 43.98 3.33 3.59
CA GLY D 68 44.61 3.89 2.42
C GLY D 68 44.01 5.25 2.07
N ARG D 69 42.80 5.51 2.57
CA ARG D 69 42.11 6.77 2.33
C ARG D 69 42.02 7.64 3.58
N PHE D 70 41.48 7.08 4.66
CA PHE D 70 41.35 7.82 5.92
C PHE D 70 42.59 7.64 6.78
N THR D 71 42.94 8.70 7.52
CA THR D 71 44.13 8.73 8.38
C THR D 71 43.81 9.37 9.72
N ILE D 72 44.01 8.61 10.80
CA ILE D 72 43.74 9.11 12.14
C ILE D 72 45.02 9.58 12.81
N SER D 73 44.92 10.70 13.51
CA SER D 73 46.05 11.29 14.23
C SER D 73 45.54 12.03 15.46
N ARG D 74 46.44 12.40 16.35
CA ARG D 74 46.05 13.13 17.54
C ARG D 74 47.12 14.13 17.92
N ASP D 75 46.72 15.14 18.70
CA ASP D 75 47.61 16.18 19.17
C ASP D 75 47.43 16.30 20.69
N LYS D 76 48.38 15.73 21.43
CA LYS D 76 48.36 15.74 22.91
C LYS D 76 48.21 17.14 23.54
N SER D 77 48.92 18.11 22.98
CA SER D 77 48.90 19.48 23.48
C SER D 77 47.52 20.15 23.36
N LYS D 78 46.70 19.62 22.47
CA LYS D 78 45.35 20.16 22.26
C LYS D 78 44.22 19.23 22.72
N SER D 79 44.55 18.00 23.10
CA SER D 79 43.53 17.02 23.51
C SER D 79 42.51 16.88 22.37
N THR D 80 43.04 16.84 21.14
CA THR D 80 42.22 16.76 19.95
C THR D 80 42.60 15.59 19.05
N LEU D 81 41.58 14.94 18.50
CA LEU D 81 41.73 13.80 17.61
C LEU D 81 41.31 14.23 16.18
N TYR D 82 41.97 13.70 15.15
CA TYR D 82 41.64 14.07 13.77
C TYR D 82 41.38 12.90 12.84
N LEU D 83 40.58 13.16 11.81
CA LEU D 83 40.27 12.17 10.80
C LEU D 83 40.44 12.81 9.43
N GLN D 84 41.55 12.49 8.77
CA GLN D 84 41.83 12.99 7.43
C GLN D 84 41.19 12.02 6.45
N MET D 85 40.20 12.48 5.72
CA MET D 85 39.53 11.64 4.73
C MET D 85 39.89 12.13 3.34
N ASN D 86 40.31 11.21 2.48
CA ASN D 86 40.71 11.54 1.12
C ASN D 86 39.96 10.63 0.16
N THR D 87 39.87 11.06 -1.10
CA THR D 87 39.18 10.33 -2.18
C THR D 87 37.74 9.97 -1.76
N LEU D 88 37.04 10.97 -1.20
CA LEU D 88 35.66 10.79 -0.74
C LEU D 88 34.68 10.39 -1.81
N GLN D 89 33.70 9.60 -1.41
CA GLN D 89 32.69 9.11 -2.33
C GLN D 89 31.30 9.15 -1.72
N ALA D 90 30.31 8.90 -2.57
CA ALA D 90 28.90 8.91 -2.18
C ALA D 90 28.58 8.09 -0.94
N GLU D 91 29.16 6.89 -0.84
CA GLU D 91 28.94 6.00 0.30
C GLU D 91 29.64 6.40 1.60
N ASP D 92 30.38 7.50 1.56
CA ASP D 92 31.07 8.02 2.73
C ASP D 92 30.25 9.10 3.43
N SER D 93 29.04 9.34 2.89
CA SER D 93 28.11 10.33 3.44
C SER D 93 27.51 9.72 4.68
N ALA D 94 27.80 10.32 5.83
CA ALA D 94 27.30 9.81 7.11
C ALA D 94 27.62 10.75 8.26
N ILE D 95 27.14 10.39 9.45
CA ILE D 95 27.39 11.15 10.67
C ILE D 95 28.61 10.45 11.24
N TYR D 96 29.66 11.21 11.52
CA TYR D 96 30.89 10.66 12.06
C TYR D 96 31.02 10.94 13.56
N TYR D 97 31.13 9.88 14.35
CA TYR D 97 31.28 10.01 15.81
C TYR D 97 32.69 9.65 16.23
N CYS D 98 33.25 10.44 17.14
CA CYS D 98 34.55 10.11 17.68
C CYS D 98 34.14 9.51 19.02
N THR D 99 34.68 8.34 19.31
CA THR D 99 34.33 7.66 20.54
C THR D 99 35.54 7.36 21.38
N ARG D 100 35.30 7.02 22.64
CA ARG D 100 36.37 6.73 23.59
C ARG D 100 36.33 5.25 24.03
N ASP D 101 37.49 4.61 23.98
CA ASP D 101 37.61 3.20 24.40
C ASP D 101 37.92 3.17 25.90
N ARG D 102 37.18 2.35 26.63
CA ARG D 102 37.38 2.21 28.06
C ARG D 102 38.77 1.57 28.32
N GLY D 103 39.14 0.64 27.45
CA GLY D 103 40.43 -0.02 27.58
C GLY D 103 41.15 -0.18 26.26
N LEU D 104 41.65 -1.37 25.99
CA LEU D 104 42.36 -1.66 24.75
C LEU D 104 41.47 -2.64 23.99
N ARG D 105 40.92 -2.21 22.85
CA ARG D 105 40.03 -3.04 22.04
C ARG D 105 38.94 -3.60 22.95
N PHE D 106 38.38 -2.73 23.79
CA PHE D 106 37.35 -3.13 24.73
C PHE D 106 35.96 -2.71 24.22
N TYR D 107 35.47 -1.56 24.68
CA TYR D 107 34.17 -1.04 24.24
C TYR D 107 34.18 0.49 24.26
N PHE D 108 33.21 1.10 23.57
CA PHE D 108 33.11 2.57 23.46
C PHE D 108 32.22 3.13 24.59
N ASP D 109 32.85 3.60 25.66
CA ASP D 109 32.10 4.11 26.80
C ASP D 109 31.56 5.52 26.64
N TYR D 110 32.20 6.30 25.78
CA TYR D 110 31.78 7.67 25.53
C TYR D 110 31.74 8.03 24.05
N TRP D 111 30.72 8.81 23.68
CA TRP D 111 30.53 9.22 22.30
C TRP D 111 30.29 10.72 22.16
N GLY D 112 30.64 11.25 20.99
CA GLY D 112 30.39 12.64 20.70
C GLY D 112 29.02 12.67 20.04
N GLN D 113 28.48 13.84 19.76
CA GLN D 113 27.15 13.89 19.12
C GLN D 113 27.20 13.73 17.61
N GLY D 114 28.40 13.77 17.06
CA GLY D 114 28.59 13.60 15.63
C GLY D 114 28.63 14.86 14.79
N THR D 115 29.25 14.72 13.61
CA THR D 115 29.37 15.81 12.63
C THR D 115 29.05 15.17 11.28
N LEU D 116 28.08 15.75 10.58
CA LEU D 116 27.62 15.25 9.29
C LEU D 116 28.49 15.56 8.08
N VAL D 117 28.81 14.53 7.31
CA VAL D 117 29.60 14.68 6.10
C VAL D 117 28.67 14.33 4.95
N THR D 118 28.68 15.18 3.93
CA THR D 118 27.82 14.99 2.76
C THR D 118 28.67 15.04 1.51
N VAL D 119 28.78 13.90 0.83
CA VAL D 119 29.56 13.83 -0.40
C VAL D 119 28.60 13.95 -1.59
N SER D 120 28.57 15.15 -2.16
CA SER D 120 27.71 15.47 -3.27
C SER D 120 28.31 16.54 -4.18
N SER D 121 27.91 16.49 -5.45
CA SER D 121 28.38 17.47 -6.44
C SER D 121 27.45 18.68 -6.45
N ALA D 122 26.30 18.58 -5.76
CA ALA D 122 25.34 19.67 -5.68
C ALA D 122 25.95 20.83 -4.90
N SER D 123 25.33 22.01 -5.01
CA SER D 123 25.84 23.19 -4.33
C SER D 123 25.05 23.60 -3.10
N THR D 124 25.69 24.40 -2.27
CA THR D 124 25.09 24.92 -1.05
C THR D 124 24.04 25.99 -1.32
N LYS D 125 22.86 25.80 -0.74
CA LYS D 125 21.77 26.76 -0.88
C LYS D 125 21.10 26.99 0.48
N GLY D 126 21.06 28.26 0.90
CA GLY D 126 20.42 28.61 2.15
C GLY D 126 18.92 28.49 2.05
N PRO D 127 18.21 28.26 3.16
CA PRO D 127 16.75 28.12 3.13
C PRO D 127 15.97 29.43 3.20
N SER D 128 14.68 29.32 2.90
CA SER D 128 13.76 30.45 2.99
C SER D 128 12.87 30.03 4.15
N VAL D 129 12.61 30.96 5.04
CA VAL D 129 11.77 30.65 6.19
C VAL D 129 10.43 31.36 6.09
N PHE D 130 9.37 30.58 5.93
CA PHE D 130 8.03 31.10 5.81
C PHE D 130 7.25 30.71 7.05
N PRO D 131 6.37 31.61 7.53
CA PRO D 131 5.54 31.38 8.72
C PRO D 131 4.34 30.50 8.45
N LEU D 132 3.97 29.71 9.45
CA LEU D 132 2.82 28.84 9.35
C LEU D 132 1.82 29.33 10.38
N ALA D 133 0.77 29.97 9.89
CA ALA D 133 -0.27 30.51 10.75
C ALA D 133 -1.64 30.18 10.17
N PRO D 134 -2.64 30.00 11.03
CA PRO D 134 -4.01 29.68 10.62
C PRO D 134 -4.69 30.91 10.03
N CYS D 135 -5.77 30.71 9.28
CA CYS D 135 -6.51 31.83 8.67
C CYS D 135 -7.13 32.76 9.73
N SER D 136 -7.69 32.15 10.77
CA SER D 136 -8.30 32.90 11.90
C SER D 136 -8.08 32.14 13.20
N ARG D 137 -7.98 32.90 14.30
CA ARG D 137 -7.76 32.35 15.64
C ARG D 137 -8.83 31.34 16.07
N SER D 138 -10.11 31.67 15.85
CA SER D 138 -11.25 30.81 16.23
C SER D 138 -11.36 30.63 17.75
N THR D 139 -12.33 31.31 18.35
CA THR D 139 -12.56 31.27 19.80
C THR D 139 -13.12 29.95 20.34
N SER D 140 -13.60 29.09 19.45
CA SER D 140 -14.16 27.79 19.84
C SER D 140 -13.06 26.90 20.40
N GLU D 141 -12.03 26.67 19.61
CA GLU D 141 -10.90 25.84 20.00
C GLU D 141 -9.97 26.56 20.96
N SER D 142 -9.58 25.87 22.03
CA SER D 142 -8.71 26.44 23.05
C SER D 142 -7.22 26.38 22.70
N THR D 143 -6.87 25.51 21.76
CA THR D 143 -5.48 25.37 21.33
C THR D 143 -5.29 25.68 19.84
N ALA D 144 -4.23 26.43 19.55
CA ALA D 144 -3.89 26.82 18.18
C ALA D 144 -2.45 26.40 17.85
N ALA D 145 -2.18 26.15 16.58
CA ALA D 145 -0.85 25.76 16.16
C ALA D 145 -0.20 26.81 15.27
N LEU D 146 1.09 27.04 15.48
CA LEU D 146 1.88 27.97 14.68
C LEU D 146 3.09 27.17 14.18
N GLY D 147 3.94 27.81 13.38
CA GLY D 147 5.08 27.10 12.86
C GLY D 147 5.90 27.88 11.86
N CYS D 148 6.90 27.21 11.31
CA CYS D 148 7.79 27.80 10.33
C CYS D 148 8.14 26.74 9.33
N LEU D 149 8.17 27.13 8.06
CA LEU D 149 8.53 26.22 7.00
C LEU D 149 9.90 26.61 6.47
N VAL D 150 10.91 25.78 6.76
CA VAL D 150 12.28 26.02 6.31
C VAL D 150 12.41 25.27 4.99
N LYS D 151 12.28 26.01 3.89
CA LYS D 151 12.30 25.41 2.56
C LYS D 151 13.50 25.71 1.66
N ASP D 152 13.79 24.76 0.77
CA ASP D 152 14.86 24.83 -0.22
C ASP D 152 16.30 25.02 0.25
N TYR D 153 16.81 24.05 0.99
CA TYR D 153 18.19 24.13 1.47
C TYR D 153 19.00 22.87 1.17
N PHE D 154 20.31 23.05 1.16
CA PHE D 154 21.24 21.98 0.93
C PHE D 154 22.59 22.46 1.40
N PRO D 155 23.33 21.62 2.14
CA PRO D 155 22.89 20.28 2.52
C PRO D 155 22.31 20.33 3.93
N GLU D 156 22.16 19.16 4.55
CA GLU D 156 21.69 19.11 5.92
C GLU D 156 22.90 19.55 6.75
N PRO D 157 22.68 19.96 8.00
CA PRO D 157 21.39 20.03 8.69
C PRO D 157 20.95 21.46 8.98
N VAL D 158 19.76 21.60 9.56
CA VAL D 158 19.25 22.90 9.93
C VAL D 158 18.80 22.81 11.40
N THR D 159 18.98 23.90 12.14
CA THR D 159 18.60 23.97 13.54
C THR D 159 17.41 24.92 13.70
N VAL D 160 16.43 24.52 14.50
CA VAL D 160 15.25 25.34 14.75
C VAL D 160 14.86 25.41 16.22
N SER D 161 14.77 26.63 16.76
CA SER D 161 14.35 26.82 18.14
C SER D 161 13.26 27.90 18.15
N TRP D 162 12.49 27.96 19.23
CA TRP D 162 11.42 28.96 19.35
C TRP D 162 11.63 29.95 20.46
N ASN D 163 11.48 31.24 20.13
CA ASN D 163 11.66 32.32 21.09
C ASN D 163 12.98 32.15 21.85
N SER D 164 14.04 31.95 21.07
CA SER D 164 15.41 31.76 21.56
C SER D 164 15.59 30.69 22.64
N GLY D 165 14.88 29.58 22.50
CA GLY D 165 15.00 28.50 23.46
C GLY D 165 14.04 28.60 24.63
N ALA D 166 13.39 29.75 24.78
CA ALA D 166 12.44 29.98 25.87
C ALA D 166 11.21 29.06 25.73
N LEU D 167 10.76 28.85 24.49
CA LEU D 167 9.61 27.99 24.19
C LEU D 167 10.10 26.63 23.69
N THR D 168 9.76 25.61 24.46
CA THR D 168 10.20 24.25 24.15
C THR D 168 9.05 23.26 24.26
N SER D 169 8.10 23.56 25.13
CA SER D 169 6.93 22.70 25.31
C SER D 169 6.01 22.77 24.09
N GLY D 170 5.63 21.61 23.59
CA GLY D 170 4.75 21.54 22.43
C GLY D 170 5.41 21.63 21.07
N VAL D 171 6.73 21.78 21.05
CA VAL D 171 7.47 21.90 19.81
C VAL D 171 7.72 20.55 19.13
N HIS D 172 7.51 20.51 17.82
CA HIS D 172 7.73 19.31 17.02
C HIS D 172 8.42 19.71 15.74
N THR D 173 9.73 19.54 15.68
CA THR D 173 10.48 19.84 14.49
C THR D 173 10.52 18.51 13.73
N PHE D 174 9.98 18.49 12.51
CA PHE D 174 9.90 17.29 11.68
C PHE D 174 11.15 16.98 10.89
N PRO D 175 11.39 15.68 10.59
CA PRO D 175 12.58 15.33 9.81
C PRO D 175 12.41 15.87 8.39
N ALA D 176 13.50 16.35 7.83
CA ALA D 176 13.49 16.91 6.49
C ALA D 176 13.16 15.88 5.41
N VAL D 177 12.45 16.33 4.38
CA VAL D 177 12.10 15.49 3.24
C VAL D 177 12.91 16.06 2.07
N LEU D 178 13.45 15.18 1.23
CA LEU D 178 14.22 15.61 0.06
C LEU D 178 13.23 15.82 -1.06
N GLN D 179 13.13 17.06 -1.54
CA GLN D 179 12.20 17.42 -2.60
C GLN D 179 12.70 16.95 -3.95
N SER D 180 11.78 16.87 -4.91
CA SER D 180 12.11 16.43 -6.26
C SER D 180 13.22 17.26 -6.90
N SER D 181 13.50 18.41 -6.30
CA SER D 181 14.53 19.31 -6.79
C SER D 181 15.89 19.06 -6.17
N GLY D 182 15.97 18.06 -5.28
CA GLY D 182 17.22 17.76 -4.62
C GLY D 182 17.50 18.68 -3.44
N LEU D 183 16.52 19.52 -3.11
CA LEU D 183 16.66 20.45 -1.99
C LEU D 183 15.76 19.97 -0.87
N TYR D 184 16.19 20.17 0.36
CA TYR D 184 15.42 19.75 1.52
C TYR D 184 14.40 20.79 1.93
N SER D 185 13.45 20.37 2.74
CA SER D 185 12.43 21.25 3.25
C SER D 185 11.86 20.60 4.50
N LEU D 186 11.66 21.39 5.55
CA LEU D 186 11.09 20.88 6.79
C LEU D 186 10.23 21.92 7.51
N SER D 187 9.33 21.45 8.36
CA SER D 187 8.46 22.31 9.13
C SER D 187 8.66 22.07 10.62
N SER D 188 8.68 23.17 11.37
CA SER D 188 8.80 23.11 12.82
C SER D 188 7.53 23.76 13.32
N VAL D 189 6.75 23.02 14.10
CA VAL D 189 5.50 23.52 14.65
C VAL D 189 5.50 23.56 16.18
N VAL D 190 4.53 24.28 16.75
CA VAL D 190 4.38 24.40 18.19
C VAL D 190 2.91 24.69 18.47
N THR D 191 2.36 24.06 19.52
CA THR D 191 0.98 24.28 19.91
C THR D 191 0.96 25.17 21.15
N VAL D 192 0.10 26.17 21.11
CA VAL D 192 -0.06 27.15 22.18
C VAL D 192 -1.55 27.45 22.37
N PRO D 193 -1.92 28.03 23.52
CA PRO D 193 -3.34 28.34 23.75
C PRO D 193 -3.78 29.51 22.86
N SER D 194 -5.01 29.43 22.33
CA SER D 194 -5.57 30.47 21.46
C SER D 194 -5.64 31.83 22.16
N SER D 195 -5.75 31.79 23.48
CA SER D 195 -5.82 33.00 24.29
C SER D 195 -4.51 33.80 24.25
N SER D 196 -3.51 33.27 23.56
CA SER D 196 -2.21 33.93 23.44
C SER D 196 -2.00 34.61 22.10
N LEU D 197 -2.69 34.15 21.06
CA LEU D 197 -2.58 34.72 19.73
C LEU D 197 -3.03 36.17 19.72
N GLY D 198 -2.10 37.08 19.48
CA GLY D 198 -2.41 38.49 19.48
C GLY D 198 -1.94 39.16 20.76
N THR D 199 -1.45 38.36 21.71
CA THR D 199 -0.96 38.89 22.99
C THR D 199 0.56 38.80 23.07
N LYS D 200 1.11 37.59 23.01
CA LYS D 200 2.56 37.42 23.05
C LYS D 200 3.13 37.10 21.66
N THR D 201 4.43 37.33 21.51
CA THR D 201 5.10 37.10 20.25
C THR D 201 5.71 35.70 20.11
N TYR D 202 5.71 35.20 18.88
CA TYR D 202 6.26 33.89 18.57
C TYR D 202 7.22 33.98 17.39
N THR D 203 8.49 33.69 17.67
CA THR D 203 9.53 33.75 16.64
C THR D 203 10.29 32.43 16.57
N CYS D 204 10.60 31.97 15.36
CA CYS D 204 11.35 30.74 15.16
C CYS D 204 12.77 31.07 14.70
N ASN D 205 13.74 30.55 15.46
CA ASN D 205 15.15 30.77 15.18
C ASN D 205 15.72 29.64 14.34
N VAL D 206 15.92 29.92 13.06
CA VAL D 206 16.43 28.95 12.11
C VAL D 206 17.89 29.19 11.75
N ASP D 207 18.72 28.16 11.92
CA ASP D 207 20.15 28.27 11.62
C ASP D 207 20.59 27.18 10.66
N HIS D 208 21.21 27.59 9.56
CA HIS D 208 21.73 26.68 8.55
C HIS D 208 23.18 27.08 8.37
N LYS D 209 24.02 26.56 9.26
CA LYS D 209 25.44 26.85 9.28
C LYS D 209 26.17 26.59 7.97
N PRO D 210 25.80 25.52 7.21
CA PRO D 210 26.48 25.25 5.93
C PRO D 210 26.50 26.43 4.97
N SER D 211 25.42 27.23 4.98
CA SER D 211 25.33 28.42 4.12
C SER D 211 25.43 29.74 4.89
N ASN D 212 25.73 29.66 6.20
CA ASN D 212 25.87 30.84 7.05
C ASN D 212 24.57 31.66 7.05
N THR D 213 23.45 30.93 7.10
CA THR D 213 22.11 31.51 7.10
C THR D 213 21.40 31.35 8.44
N LYS D 214 21.29 32.45 9.17
CA LYS D 214 20.60 32.46 10.45
C LYS D 214 19.40 33.38 10.26
N VAL D 215 18.20 32.86 10.48
CA VAL D 215 16.98 33.64 10.32
C VAL D 215 16.03 33.56 11.50
N ASP D 216 15.58 34.73 11.98
CA ASP D 216 14.62 34.80 13.07
C ASP D 216 13.32 35.35 12.46
N LYS D 217 12.38 34.45 12.16
CA LYS D 217 11.12 34.85 11.55
C LYS D 217 9.96 34.89 12.55
N ARG D 218 9.15 35.94 12.46
CA ARG D 218 8.00 36.12 13.34
C ARG D 218 6.76 35.48 12.75
N VAL D 219 6.04 34.73 13.56
CA VAL D 219 4.83 34.08 13.08
C VAL D 219 3.60 34.89 13.47
N GLU D 220 3.57 35.35 14.72
CA GLU D 220 2.45 36.16 15.22
C GLU D 220 2.83 37.01 16.44
#